data_1FI1
#
_entry.id   1FI1
#
_cell.length_a   172.820
_cell.length_b   172.820
_cell.length_c   87.910
_cell.angle_alpha   90.00
_cell.angle_beta   90.00
_cell.angle_gamma   120.00
#
_symmetry.space_group_name_H-M   'P 61'
#
loop_
_entity.id
_entity.type
_entity.pdbx_description
1 polymer 'FERRICHROME-IRON RECEPTOR'
2 branched 'alpha-D-glucopyranose-(1-2)-alpha-D-glucopyranose-(1-3)-[alpha-D-galactopyranose-(1-6)]alpha-D-glucopyranose-(1-3)-[L-glycero-alpha-D-manno-heptopyranose-(1-7)]L-glycero-alpha-D-manno-heptopyranose-(1-3)-L-glycero-alpha-D-manno-heptopyranose-(1-5)-[3-deoxy-alpha-D-manno-oct-2-ulopyranosonic acid-(2-4)]3-deoxy-alpha-D-manno-oct-2-ulopyranosonic acid-(2-6)-2-amino-2,3-dideoxy-alpha-D-glucoyranose-(1-6)-2-amino-2-deoxy-alpha-D-glucopyranose'
3 non-polymer '3-HYDROXY-TETRADECANOIC ACID'
4 non-polymer 'PHOSPHATE ION'
5 non-polymer 'NICKEL (II) ION'
6 non-polymer 'SODIUM ION'
7 non-polymer 'MAGNESIUM ION'
8 non-polymer DIPHOSPHATE
9 non-polymer 'RIFAMYCIN CGP 4832'
10 non-polymer DECYLAMINE-N,N-DIMETHYL-N-OXIDE
11 water water
#
_entity_poly.entity_id   1
_entity_poly.type   'polypeptide(L)'
_entity_poly.pdbx_seq_one_letter_code
;ESAWGPAATIAARQSATGTKTDTPIQKVPQSISVVTAEEMALHQPKSVKEALSYTPGVSVGTRGASNTYDHLIIRGFAAE
GQSQNNYLNGLKLQGNFYNDAVIDPYMLERAEIMRGPVSVLYGKSSPGGLLNMVSKRPTTEPLKEVQFKAGTDSLFQTGF
DFSDSLDDDGVYSYRLTGLARSANAQQKGSEEQRYAIAPAFTWRPDDKTNFTFLSYFQNEPETGYYGWLPKEGTVEPLPN
GKRLPTDFNEGAKNNTYSRNEKMVGYSFDHEFNDTFTVRQNLRFAENKTSQNSVYGYGVCSDPANAYSKQCAALAPADKG
HYLARKYVVDDEKLQNFSVDTQLQSKFATGDIDHTLLTGVDFMRMRNDINAWFGYDDSVPLLNLYNPSSHHHHHHGSSVN
TDFDFNAKDPANSGPYRILNKQKQTGVYVQDQAQWDKVLVTLGGRYDWADQESLNRVAGTTDKRDDKQFTWRGGVNYLFD
NGVTPYFSYSESFEPSSQVGKDGNIFAPSKGKQYEVGVKYVPEDRPIVVTGAVYNLTKTNNLMADPEGSFFSVEGGEIRA
RGVEIEAKAALSASVNVVGSYTYTDAEYTTDTTYKGNTPAQVPKHMASLWADYTFFDGPLSGLTLGTGGRYTGSSYGDPA
NSFKVGSYTVVDALVRYDLARVGMAGSNVALHVNNLFDREYVASCFNTYGCFWGAERQVVATATFRF
;
_entity_poly.pdbx_strand_id   A
#
# COMPACT_ATOMS: atom_id res chain seq x y z
N GLU A 1 -20.25 -23.30 -2.74
CA GLU A 1 -19.72 -23.55 -1.36
C GLU A 1 -18.40 -22.84 -1.09
N SER A 2 -17.87 -23.05 0.12
CA SER A 2 -16.62 -22.43 0.59
C SER A 2 -16.76 -20.90 0.56
N ALA A 3 -16.73 -20.30 1.75
CA ALA A 3 -16.87 -18.86 1.94
C ALA A 3 -16.41 -17.94 0.81
N TRP A 4 -15.16 -18.11 0.37
CA TRP A 4 -14.57 -17.29 -0.67
C TRP A 4 -15.08 -17.53 -2.08
N GLY A 5 -16.12 -18.37 -2.19
CA GLY A 5 -16.68 -18.65 -3.50
C GLY A 5 -17.52 -17.49 -3.96
N PRO A 6 -18.45 -17.72 -4.89
CA PRO A 6 -19.35 -16.70 -5.43
C PRO A 6 -19.96 -15.76 -4.39
N ALA A 7 -20.00 -16.20 -3.13
CA ALA A 7 -20.54 -15.37 -2.04
C ALA A 7 -19.70 -14.10 -1.95
N ALA A 8 -18.40 -14.25 -2.15
CA ALA A 8 -17.47 -13.13 -2.13
C ALA A 8 -17.52 -12.43 -3.49
N THR A 9 -17.44 -13.22 -4.55
CA THR A 9 -17.49 -12.72 -5.92
C THR A 9 -18.56 -11.63 -6.06
N ILE A 10 -19.77 -11.95 -5.59
CA ILE A 10 -20.90 -11.03 -5.66
C ILE A 10 -20.80 -9.86 -4.67
N ALA A 11 -20.47 -10.15 -3.42
CA ALA A 11 -20.33 -9.11 -2.42
C ALA A 11 -19.37 -8.04 -2.96
N ALA A 12 -18.36 -8.52 -3.70
CA ALA A 12 -17.35 -7.65 -4.28
C ALA A 12 -17.86 -6.81 -5.45
N ARG A 13 -19.11 -6.99 -5.81
CA ARG A 13 -19.66 -6.23 -6.92
C ARG A 13 -19.99 -4.80 -6.50
N GLN A 14 -20.21 -4.62 -5.21
CA GLN A 14 -20.55 -3.30 -4.68
C GLN A 14 -19.36 -2.61 -4.02
N SER A 15 -19.39 -1.28 -4.04
CA SER A 15 -18.35 -0.46 -3.42
C SER A 15 -18.78 0.99 -3.41
N ALA A 16 -18.05 1.79 -2.66
CA ALA A 16 -18.36 3.21 -2.56
C ALA A 16 -17.11 4.06 -2.77
N THR A 17 -15.94 3.45 -2.68
CA THR A 17 -14.71 4.20 -2.83
C THR A 17 -14.59 4.84 -4.21
N GLY A 18 -15.41 4.40 -5.15
CA GLY A 18 -15.34 4.97 -6.48
C GLY A 18 -16.18 6.20 -6.71
N THR A 19 -17.34 6.25 -6.07
CA THR A 19 -18.24 7.38 -6.25
C THR A 19 -18.72 8.01 -4.97
N LYS A 20 -18.20 7.53 -3.84
CA LYS A 20 -18.62 7.99 -2.52
C LYS A 20 -20.12 7.77 -2.30
N THR A 21 -20.67 6.82 -3.05
CA THR A 21 -22.08 6.41 -2.94
C THR A 21 -22.03 4.94 -3.28
N ASP A 22 -22.90 4.14 -2.65
CA ASP A 22 -22.90 2.70 -2.92
C ASP A 22 -23.37 2.36 -4.33
N THR A 23 -22.40 2.15 -5.21
CA THR A 23 -22.63 1.83 -6.61
C THR A 23 -22.08 0.47 -7.01
N PRO A 24 -22.71 -0.18 -7.99
CA PRO A 24 -22.19 -1.49 -8.40
C PRO A 24 -20.99 -1.22 -9.31
N ILE A 25 -19.93 -2.00 -9.14
CA ILE A 25 -18.71 -1.79 -9.91
C ILE A 25 -18.85 -1.47 -11.39
N GLN A 26 -19.79 -2.09 -12.09
CA GLN A 26 -19.90 -1.79 -13.51
C GLN A 26 -20.55 -0.41 -13.77
N LYS A 27 -21.03 0.24 -12.71
CA LYS A 27 -21.63 1.54 -12.88
C LYS A 27 -20.63 2.63 -12.49
N VAL A 28 -19.40 2.20 -12.22
CA VAL A 28 -18.35 3.15 -11.85
C VAL A 28 -17.44 3.35 -13.06
N PRO A 29 -17.41 4.58 -13.59
CA PRO A 29 -16.61 4.95 -14.76
C PRO A 29 -15.11 5.00 -14.52
N GLN A 30 -14.62 4.22 -13.57
CA GLN A 30 -13.19 4.22 -13.28
C GLN A 30 -12.72 2.84 -12.84
N SER A 31 -11.43 2.60 -12.96
CA SER A 31 -10.86 1.31 -12.58
C SER A 31 -10.83 1.10 -11.06
N ILE A 32 -11.41 -0.01 -10.61
CA ILE A 32 -11.43 -0.32 -9.19
C ILE A 32 -11.47 -1.81 -8.89
N SER A 33 -10.72 -2.22 -7.86
CA SER A 33 -10.66 -3.62 -7.46
C SER A 33 -11.09 -3.79 -6.02
N VAL A 34 -11.64 -4.96 -5.72
CA VAL A 34 -12.08 -5.27 -4.37
C VAL A 34 -11.66 -6.67 -3.93
N VAL A 35 -11.18 -6.76 -2.71
CA VAL A 35 -10.77 -8.04 -2.13
C VAL A 35 -11.55 -8.15 -0.84
N THR A 36 -12.19 -9.30 -0.64
CA THR A 36 -13.01 -9.54 0.53
C THR A 36 -12.33 -10.19 1.72
N ALA A 37 -13.07 -10.23 2.83
CA ALA A 37 -12.59 -10.82 4.07
C ALA A 37 -12.43 -12.33 3.90
N GLU A 38 -13.39 -12.97 3.22
CA GLU A 38 -13.31 -14.40 2.98
C GLU A 38 -12.07 -14.62 2.11
N GLU A 39 -11.95 -13.81 1.06
CA GLU A 39 -10.80 -13.91 0.17
C GLU A 39 -9.51 -13.81 1.00
N MET A 40 -9.39 -12.75 1.81
CA MET A 40 -8.19 -12.57 2.61
C MET A 40 -7.98 -13.71 3.61
N ALA A 41 -9.07 -14.27 4.13
CA ALA A 41 -8.94 -15.36 5.08
C ALA A 41 -8.41 -16.63 4.38
N LEU A 42 -8.67 -16.78 3.09
CA LEU A 42 -8.16 -17.94 2.38
C LEU A 42 -6.64 -17.85 2.14
N HIS A 43 -6.18 -16.73 1.58
CA HIS A 43 -4.77 -16.53 1.28
C HIS A 43 -3.87 -16.16 2.47
N GLN A 44 -4.46 -15.69 3.56
CA GLN A 44 -3.69 -15.32 4.77
C GLN A 44 -2.47 -14.44 4.48
N PRO A 45 -2.68 -13.27 3.86
CA PRO A 45 -1.62 -12.32 3.51
C PRO A 45 -0.93 -11.66 4.71
N LYS A 46 0.36 -11.40 4.57
CA LYS A 46 1.12 -10.79 5.65
C LYS A 46 0.63 -9.36 5.88
N SER A 47 0.32 -8.65 4.81
CA SER A 47 -0.20 -7.29 4.94
C SER A 47 -1.20 -7.05 3.81
N VAL A 48 -1.83 -5.88 3.78
CA VAL A 48 -2.75 -5.59 2.68
C VAL A 48 -1.97 -5.71 1.37
N LYS A 49 -0.67 -5.44 1.42
CA LYS A 49 0.15 -5.50 0.22
C LYS A 49 -0.16 -6.76 -0.60
N GLU A 50 0.09 -7.93 0.00
CA GLU A 50 -0.15 -9.20 -0.67
C GLU A 50 -1.62 -9.38 -1.04
N ALA A 51 -2.52 -9.00 -0.12
CA ALA A 51 -3.95 -9.12 -0.35
C ALA A 51 -4.40 -8.59 -1.73
N LEU A 52 -3.64 -7.68 -2.31
CA LEU A 52 -3.98 -7.12 -3.62
C LEU A 52 -3.20 -7.78 -4.76
N SER A 53 -2.35 -8.75 -4.43
CA SER A 53 -1.50 -9.45 -5.40
C SER A 53 -2.04 -9.83 -6.76
N TYR A 54 -3.32 -10.18 -6.86
CA TYR A 54 -3.86 -10.56 -8.15
C TYR A 54 -4.67 -9.46 -8.79
N THR A 55 -4.20 -8.24 -8.59
CA THR A 55 -4.86 -7.09 -9.13
C THR A 55 -3.97 -6.40 -10.15
N PRO A 56 -4.56 -5.90 -11.25
CA PRO A 56 -3.75 -5.24 -12.27
C PRO A 56 -3.37 -3.81 -11.89
N GLY A 57 -2.21 -3.39 -12.38
CA GLY A 57 -1.73 -2.05 -12.14
C GLY A 57 -1.07 -1.79 -10.79
N VAL A 58 -0.60 -2.83 -10.10
CA VAL A 58 0.03 -2.60 -8.81
C VAL A 58 1.28 -3.41 -8.49
N SER A 59 2.39 -2.72 -8.29
CA SER A 59 3.64 -3.38 -7.88
C SER A 59 3.41 -3.32 -6.38
N VAL A 60 3.42 -4.46 -5.72
CA VAL A 60 3.15 -4.46 -4.30
C VAL A 60 4.27 -5.03 -3.45
N GLY A 61 5.26 -5.63 -4.10
CA GLY A 61 6.37 -6.20 -3.37
C GLY A 61 7.66 -5.48 -3.70
N THR A 62 7.54 -4.21 -4.04
CA THR A 62 8.68 -3.41 -4.40
C THR A 62 9.83 -3.43 -3.42
N ARG A 63 9.53 -3.25 -2.14
CA ARG A 63 10.53 -3.21 -1.08
C ARG A 63 11.02 -4.61 -0.67
N GLY A 64 10.49 -5.62 -1.35
CA GLY A 64 10.88 -6.98 -1.08
C GLY A 64 10.52 -7.50 0.30
N ALA A 65 11.48 -8.17 0.92
CA ALA A 65 11.29 -8.77 2.24
C ALA A 65 10.92 -7.84 3.39
N SER A 66 10.77 -6.55 3.14
CA SER A 66 10.39 -5.64 4.23
C SER A 66 8.88 -5.60 4.38
N ASN A 67 8.39 -5.31 5.57
CA ASN A 67 6.95 -5.20 5.82
C ASN A 67 6.62 -3.92 6.58
N THR A 68 7.64 -3.16 6.92
CA THR A 68 7.52 -1.89 7.63
C THR A 68 6.41 -0.98 7.09
N TYR A 69 6.31 -0.85 5.79
CA TYR A 69 5.29 -0.02 5.21
C TYR A 69 4.42 -0.73 4.20
N ASP A 70 3.34 -0.07 3.82
CA ASP A 70 2.43 -0.63 2.87
C ASP A 70 2.44 0.35 1.74
N HIS A 71 3.55 0.38 1.03
CA HIS A 71 3.71 1.26 -0.10
C HIS A 71 3.39 0.53 -1.38
N LEU A 72 2.64 1.19 -2.24
CA LEU A 72 2.27 0.60 -3.49
C LEU A 72 2.60 1.55 -4.63
N ILE A 73 3.07 0.99 -5.74
CA ILE A 73 3.34 1.81 -6.91
C ILE A 73 2.19 1.43 -7.83
N ILE A 74 1.24 2.35 -7.97
CA ILE A 74 0.07 2.12 -8.78
C ILE A 74 0.14 2.78 -10.14
N ARG A 75 0.10 1.97 -11.19
CA ARG A 75 0.11 2.51 -12.54
C ARG A 75 1.41 3.30 -12.77
N GLY A 76 2.49 2.83 -12.16
CA GLY A 76 3.79 3.50 -12.30
C GLY A 76 4.01 4.77 -11.50
N PHE A 77 3.08 5.12 -10.61
CA PHE A 77 3.22 6.33 -9.81
C PHE A 77 3.06 6.13 -8.33
N ALA A 78 3.56 7.09 -7.56
CA ALA A 78 3.47 7.05 -6.12
C ALA A 78 3.45 8.48 -5.62
N ALA A 79 3.22 8.67 -4.33
CA ALA A 79 3.22 10.01 -3.76
C ALA A 79 4.66 10.52 -3.68
N GLU A 80 4.84 11.82 -3.44
CA GLU A 80 6.19 12.37 -3.35
C GLU A 80 6.91 11.69 -2.21
N GLY A 81 8.14 11.29 -2.46
CA GLY A 81 8.94 10.64 -1.43
C GLY A 81 8.62 9.17 -1.19
N GLN A 82 7.53 8.68 -1.76
CA GLN A 82 7.12 7.29 -1.60
C GLN A 82 6.32 7.14 -0.29
N SER A 83 5.65 8.22 0.08
CA SER A 83 4.82 8.21 1.28
C SER A 83 3.52 7.46 0.95
N GLN A 84 3.01 6.68 1.90
CA GLN A 84 1.78 5.94 1.66
C GLN A 84 0.63 6.86 1.24
N ASN A 85 -0.21 6.38 0.32
CA ASN A 85 -1.37 7.14 -0.09
C ASN A 85 -2.48 6.18 0.28
N ASN A 86 -2.49 5.79 1.55
CA ASN A 86 -3.45 4.83 2.09
C ASN A 86 -4.64 5.42 2.85
N TYR A 87 -5.83 4.93 2.51
CA TYR A 87 -7.06 5.40 3.15
C TYR A 87 -7.72 4.31 3.97
N LEU A 88 -8.36 4.72 5.06
CA LEU A 88 -9.08 3.80 5.94
C LEU A 88 -10.45 4.39 6.23
N ASN A 89 -11.47 3.73 5.70
CA ASN A 89 -12.85 4.14 5.89
C ASN A 89 -13.19 5.46 5.24
N GLY A 90 -12.57 5.73 4.08
CA GLY A 90 -12.85 6.96 3.35
C GLY A 90 -12.10 8.17 3.84
N LEU A 91 -11.38 7.99 4.95
CA LEU A 91 -10.61 9.08 5.50
C LEU A 91 -9.17 8.72 5.30
N LYS A 92 -8.35 9.69 4.92
CA LYS A 92 -6.95 9.36 4.69
C LYS A 92 -6.09 9.19 5.94
N LEU A 93 -5.18 8.24 5.88
CA LEU A 93 -4.25 8.00 6.97
C LEU A 93 -3.05 8.86 6.65
N GLN A 94 -3.18 10.17 6.84
CA GLN A 94 -2.07 11.06 6.55
C GLN A 94 -0.84 10.83 7.42
N GLY A 95 0.31 10.78 6.76
CA GLY A 95 1.56 10.56 7.45
C GLY A 95 2.56 11.62 7.01
N ASN A 96 3.80 11.47 7.46
CA ASN A 96 4.83 12.43 7.11
C ASN A 96 6.17 11.80 7.40
N PHE A 97 7.16 12.08 6.56
CA PHE A 97 8.51 11.55 6.78
C PHE A 97 8.38 10.05 7.04
N TYR A 98 9.10 9.55 8.04
CA TYR A 98 9.03 8.14 8.38
C TYR A 98 7.80 7.78 9.20
N ASN A 99 6.86 8.70 9.32
CA ASN A 99 5.65 8.46 10.13
C ASN A 99 4.40 8.09 9.35
N ASP A 100 4.29 6.83 8.98
CA ASP A 100 3.12 6.35 8.28
C ASP A 100 2.57 5.23 9.15
N ALA A 101 1.26 5.05 9.12
CA ALA A 101 0.64 4.02 9.91
C ALA A 101 0.22 2.88 8.99
N VAL A 102 0.13 1.70 9.58
CA VAL A 102 -0.25 0.51 8.85
C VAL A 102 -1.45 -0.17 9.58
N ILE A 103 -2.17 -1.05 8.89
CA ILE A 103 -3.33 -1.74 9.48
C ILE A 103 -3.23 -3.23 9.19
N ASP A 104 -3.47 -4.07 10.19
CA ASP A 104 -3.38 -5.49 9.96
C ASP A 104 -4.57 -6.04 9.21
N PRO A 105 -4.33 -6.89 8.21
CA PRO A 105 -5.48 -7.41 7.47
C PRO A 105 -6.49 -8.17 8.33
N TYR A 106 -6.05 -8.61 9.52
CA TYR A 106 -6.93 -9.34 10.42
C TYR A 106 -7.99 -8.41 11.05
N MET A 107 -7.86 -7.11 10.81
CA MET A 107 -8.79 -6.15 11.36
C MET A 107 -9.61 -5.55 10.22
N LEU A 108 -9.41 -6.08 9.02
CA LEU A 108 -10.12 -5.55 7.86
C LEU A 108 -11.31 -6.39 7.43
N GLU A 109 -12.27 -5.75 6.77
CA GLU A 109 -13.45 -6.44 6.28
C GLU A 109 -13.22 -6.64 4.78
N ARG A 110 -12.44 -5.72 4.22
CA ARG A 110 -12.08 -5.75 2.81
C ARG A 110 -11.14 -4.59 2.45
N ALA A 111 -10.50 -4.72 1.29
CA ALA A 111 -9.58 -3.70 0.80
C ALA A 111 -9.93 -3.35 -0.63
N GLU A 112 -9.71 -2.10 -0.99
CA GLU A 112 -10.02 -1.64 -2.34
C GLU A 112 -8.96 -0.70 -2.91
N ILE A 113 -8.68 -0.84 -4.21
CA ILE A 113 -7.72 0.03 -4.89
C ILE A 113 -8.42 0.72 -6.05
N MET A 114 -8.21 2.03 -6.15
CA MET A 114 -8.80 2.82 -7.23
C MET A 114 -7.64 3.42 -8.04
N ARG A 115 -7.58 3.08 -9.31
CA ARG A 115 -6.51 3.55 -10.21
C ARG A 115 -6.69 4.93 -10.86
N GLY A 116 -5.58 5.61 -11.07
CA GLY A 116 -5.61 6.92 -11.69
C GLY A 116 -6.07 8.03 -10.77
N PRO A 117 -6.22 9.26 -11.29
CA PRO A 117 -6.64 10.43 -10.52
C PRO A 117 -7.91 10.14 -9.74
N VAL A 118 -8.04 10.74 -8.55
CA VAL A 118 -9.20 10.54 -7.69
C VAL A 118 -9.47 11.77 -6.84
N SER A 119 -8.81 12.86 -7.16
CA SER A 119 -8.97 14.09 -6.40
C SER A 119 -10.41 14.56 -6.36
N VAL A 120 -11.15 14.29 -7.43
CA VAL A 120 -12.54 14.70 -7.52
C VAL A 120 -13.35 14.30 -6.29
N LEU A 121 -12.81 13.42 -5.47
CA LEU A 121 -13.52 13.00 -4.27
C LEU A 121 -12.70 13.01 -2.97
N TYR A 122 -11.36 12.97 -3.09
CA TYR A 122 -10.51 12.94 -1.91
C TYR A 122 -9.43 14.02 -1.78
N GLY A 123 -9.42 15.01 -2.68
CA GLY A 123 -8.42 16.06 -2.59
C GLY A 123 -7.02 15.68 -3.07
N LYS A 124 -6.01 16.40 -2.58
CA LYS A 124 -4.63 16.15 -2.99
C LYS A 124 -4.30 14.66 -3.02
N SER A 125 -3.69 14.21 -4.11
CA SER A 125 -3.34 12.80 -4.25
C SER A 125 -2.41 12.47 -5.41
N SER A 126 -1.65 11.40 -5.22
CA SER A 126 -0.73 10.92 -6.23
C SER A 126 -1.53 10.46 -7.45
N PRO A 127 -1.13 10.86 -8.65
CA PRO A 127 -1.91 10.41 -9.80
C PRO A 127 -1.54 8.96 -9.98
N GLY A 128 -2.48 8.06 -9.74
CA GLY A 128 -2.17 6.66 -9.85
C GLY A 128 -3.19 5.84 -9.10
N GLY A 129 -3.70 6.43 -8.01
CA GLY A 129 -4.69 5.73 -7.22
C GLY A 129 -4.53 5.86 -5.72
N LEU A 130 -5.30 5.08 -4.99
CA LEU A 130 -5.25 5.06 -3.55
C LEU A 130 -5.84 3.76 -3.06
N LEU A 131 -5.36 3.31 -1.91
CA LEU A 131 -5.83 2.09 -1.28
C LEU A 131 -6.80 2.51 -0.21
N ASN A 132 -7.89 1.79 -0.04
CA ASN A 132 -8.86 2.11 0.99
C ASN A 132 -9.29 0.84 1.72
N MET A 133 -8.85 0.73 2.97
CA MET A 133 -9.17 -0.44 3.79
C MET A 133 -10.44 -0.14 4.57
N VAL A 134 -11.22 -1.18 4.83
CA VAL A 134 -12.46 -1.03 5.58
C VAL A 134 -12.35 -1.79 6.88
N SER A 135 -12.56 -1.08 8.00
CA SER A 135 -12.50 -1.70 9.33
C SER A 135 -13.57 -2.76 9.51
N LYS A 136 -13.25 -3.82 10.25
CA LYS A 136 -14.23 -4.86 10.52
C LYS A 136 -15.28 -4.19 11.42
N ARG A 137 -16.54 -4.56 11.23
CA ARG A 137 -17.63 -3.96 12.01
C ARG A 137 -18.44 -4.98 12.80
N PRO A 138 -19.24 -4.54 13.78
CA PRO A 138 -20.03 -5.48 14.55
C PRO A 138 -20.99 -6.22 13.63
N THR A 139 -21.11 -7.53 13.83
CA THR A 139 -21.97 -8.36 12.99
C THR A 139 -23.39 -8.53 13.50
N THR A 140 -24.26 -9.00 12.61
CA THR A 140 -25.66 -9.25 12.96
C THR A 140 -25.70 -10.52 13.83
N GLU A 141 -25.09 -11.58 13.33
CA GLU A 141 -25.04 -12.87 14.02
C GLU A 141 -23.83 -12.90 14.97
N PRO A 142 -23.80 -13.87 15.89
CA PRO A 142 -22.68 -13.97 16.82
C PRO A 142 -21.39 -14.45 16.18
N LEU A 143 -20.28 -14.14 16.83
CA LEU A 143 -18.95 -14.54 16.37
C LEU A 143 -17.99 -14.71 17.55
N LYS A 144 -17.36 -15.87 17.61
CA LYS A 144 -16.40 -16.18 18.65
C LYS A 144 -15.27 -16.93 17.96
N GLU A 145 -14.21 -16.20 17.62
CA GLU A 145 -13.08 -16.78 16.90
C GLU A 145 -11.73 -16.58 17.58
N VAL A 146 -10.97 -17.65 17.64
CA VAL A 146 -9.61 -17.61 18.19
C VAL A 146 -8.74 -18.23 17.12
N GLN A 147 -7.58 -17.61 16.84
CA GLN A 147 -6.70 -18.10 15.79
C GLN A 147 -5.27 -18.33 16.30
N PHE A 148 -4.64 -19.37 15.77
CA PHE A 148 -3.26 -19.72 16.16
C PHE A 148 -2.42 -19.92 14.94
N LYS A 149 -1.24 -19.32 14.95
CA LYS A 149 -0.30 -19.38 13.84
C LYS A 149 1.08 -19.76 14.31
N ALA A 150 1.73 -20.63 13.53
CA ALA A 150 3.09 -21.09 13.79
C ALA A 150 3.75 -21.25 12.42
N GLY A 151 4.93 -20.66 12.25
CA GLY A 151 5.61 -20.76 10.96
C GLY A 151 7.12 -20.67 11.04
N THR A 152 7.76 -20.52 9.89
CA THR A 152 9.21 -20.41 9.77
C THR A 152 9.74 -19.21 10.55
N ASP A 153 11.05 -19.03 10.53
CA ASP A 153 11.70 -17.90 11.20
C ASP A 153 11.14 -17.58 12.58
N SER A 154 10.53 -18.59 13.21
CA SER A 154 9.96 -18.45 14.55
C SER A 154 8.76 -17.49 14.61
N LEU A 155 7.93 -17.57 13.59
CA LEU A 155 6.72 -16.77 13.51
C LEU A 155 5.69 -17.40 14.44
N PHE A 156 5.20 -16.62 15.40
CA PHE A 156 4.20 -17.12 16.34
C PHE A 156 3.09 -16.10 16.52
N GLN A 157 1.89 -16.44 16.08
CA GLN A 157 0.79 -15.51 16.24
C GLN A 157 -0.39 -16.12 16.96
N THR A 158 -1.12 -15.25 17.67
CA THR A 158 -2.30 -15.66 18.41
C THR A 158 -3.26 -14.46 18.46
N GLY A 159 -4.46 -14.65 17.93
CA GLY A 159 -5.46 -13.58 17.93
C GLY A 159 -6.89 -14.03 18.10
N PHE A 160 -7.79 -13.05 18.22
CA PHE A 160 -9.21 -13.33 18.40
C PHE A 160 -10.08 -12.31 17.70
N ASP A 161 -11.34 -12.69 17.48
CA ASP A 161 -12.31 -11.83 16.84
C ASP A 161 -13.69 -12.17 17.45
N PHE A 162 -14.21 -11.25 18.24
CA PHE A 162 -15.51 -11.47 18.89
C PHE A 162 -16.53 -10.38 18.56
N SER A 163 -17.73 -10.79 18.20
CA SER A 163 -18.79 -9.84 17.89
C SER A 163 -20.15 -10.34 18.36
N ASP A 164 -20.90 -9.47 19.04
CA ASP A 164 -22.22 -9.84 19.53
C ASP A 164 -23.15 -8.65 19.73
N SER A 165 -24.43 -8.94 19.86
CA SER A 165 -25.46 -7.92 20.09
C SER A 165 -25.74 -7.87 21.59
N LEU A 166 -25.99 -6.69 22.12
CA LEU A 166 -26.27 -6.54 23.53
C LEU A 166 -27.76 -6.74 23.83
N ASP A 167 -28.61 -6.44 22.84
CA ASP A 167 -30.05 -6.59 22.96
C ASP A 167 -30.52 -7.63 21.93
N ASP A 168 -31.77 -8.05 22.01
CA ASP A 168 -32.26 -9.03 21.06
C ASP A 168 -32.80 -8.41 19.77
N ASP A 169 -32.77 -7.08 19.69
CA ASP A 169 -33.24 -6.38 18.50
C ASP A 169 -32.08 -5.79 17.69
N GLY A 170 -30.86 -5.96 18.19
CA GLY A 170 -29.68 -5.47 17.50
C GLY A 170 -29.37 -3.99 17.56
N VAL A 171 -30.07 -3.25 18.40
CA VAL A 171 -29.82 -1.83 18.51
C VAL A 171 -28.44 -1.58 19.13
N TYR A 172 -27.90 -2.59 19.81
CA TYR A 172 -26.60 -2.46 20.46
C TYR A 172 -25.67 -3.65 20.22
N SER A 173 -24.62 -3.44 19.43
CA SER A 173 -23.68 -4.53 19.16
C SER A 173 -22.22 -4.05 19.11
N TYR A 174 -21.30 -4.95 19.43
CA TYR A 174 -19.88 -4.62 19.44
C TYR A 174 -19.04 -5.58 18.62
N ARG A 175 -17.72 -5.38 18.71
CA ARG A 175 -16.76 -6.24 18.05
C ARG A 175 -15.40 -5.92 18.63
N LEU A 176 -14.64 -6.96 18.95
CA LEU A 176 -13.31 -6.78 19.52
C LEU A 176 -12.34 -7.73 18.83
N THR A 177 -11.39 -7.16 18.10
CA THR A 177 -10.42 -7.98 17.40
C THR A 177 -9.02 -7.63 17.92
N GLY A 178 -8.22 -8.66 18.17
CA GLY A 178 -6.88 -8.42 18.68
C GLY A 178 -5.93 -9.53 18.26
N LEU A 179 -4.65 -9.20 18.12
CA LEU A 179 -3.66 -10.19 17.72
C LEU A 179 -2.32 -9.89 18.34
N ALA A 180 -1.55 -10.94 18.59
CA ALA A 180 -0.21 -10.83 19.16
C ALA A 180 0.70 -11.58 18.21
N ARG A 181 1.74 -10.93 17.72
CA ARG A 181 2.63 -11.55 16.76
C ARG A 181 4.09 -11.19 16.98
N SER A 182 4.95 -12.16 16.72
CA SER A 182 6.41 -11.99 16.86
C SER A 182 7.06 -12.96 15.90
N ALA A 183 8.16 -12.54 15.31
CA ALA A 183 8.88 -13.40 14.39
C ALA A 183 10.22 -12.81 14.06
N ASN A 184 11.09 -13.61 13.46
CA ASN A 184 12.41 -13.14 13.07
C ASN A 184 12.35 -12.79 11.60
N ALA A 185 12.92 -11.64 11.24
CA ALA A 185 12.92 -11.18 9.86
C ALA A 185 13.95 -11.93 9.01
N GLN A 186 13.69 -11.99 7.70
CA GLN A 186 14.58 -12.67 6.76
C GLN A 186 16.07 -12.37 6.98
N GLN A 187 16.39 -11.10 7.22
CA GLN A 187 17.78 -10.69 7.45
C GLN A 187 18.27 -10.90 8.89
N LYS A 188 19.44 -11.51 9.02
CA LYS A 188 20.06 -11.79 10.32
C LYS A 188 20.05 -10.67 11.35
N GLY A 189 19.54 -10.98 12.54
CA GLY A 189 19.50 -10.00 13.60
C GLY A 189 18.24 -9.16 13.69
N SER A 190 17.38 -9.23 12.66
CA SER A 190 16.17 -8.45 12.67
C SER A 190 14.95 -9.20 13.20
N GLU A 191 14.16 -8.49 13.97
CA GLU A 191 12.96 -9.06 14.56
C GLU A 191 11.73 -8.25 14.16
N GLU A 192 10.56 -8.84 14.40
CA GLU A 192 9.29 -8.21 14.10
C GLU A 192 8.40 -8.56 15.29
N GLN A 193 7.65 -7.58 15.75
CA GLN A 193 6.73 -7.76 16.87
C GLN A 193 5.51 -6.87 16.69
N ARG A 194 4.35 -7.35 17.14
CA ARG A 194 3.14 -6.56 17.02
C ARG A 194 2.00 -6.94 17.94
N TYR A 195 1.37 -5.90 18.48
CA TYR A 195 0.23 -6.03 19.36
C TYR A 195 -0.85 -5.09 18.85
N ALA A 196 -2.00 -5.65 18.48
CA ALA A 196 -3.11 -4.86 17.96
C ALA A 196 -4.49 -5.26 18.47
N ILE A 197 -5.25 -4.26 18.87
CA ILE A 197 -6.61 -4.43 19.37
C ILE A 197 -7.49 -3.39 18.68
N ALA A 198 -8.65 -3.81 18.20
CA ALA A 198 -9.57 -2.92 17.51
C ALA A 198 -10.94 -2.91 18.15
N PRO A 199 -11.23 -1.94 19.03
CA PRO A 199 -12.56 -1.93 19.65
C PRO A 199 -13.59 -1.22 18.76
N ALA A 200 -14.68 -1.90 18.41
CA ALA A 200 -15.73 -1.28 17.57
C ALA A 200 -17.11 -1.42 18.23
N PHE A 201 -17.97 -0.44 18.00
CA PHE A 201 -19.32 -0.44 18.57
C PHE A 201 -20.34 0.16 17.62
N THR A 202 -21.45 -0.55 17.39
CA THR A 202 -22.52 -0.07 16.50
C THR A 202 -23.80 0.26 17.27
N TRP A 203 -24.58 1.20 16.73
CA TRP A 203 -25.83 1.61 17.32
C TRP A 203 -26.89 1.88 16.27
N ARG A 204 -27.90 1.01 16.20
CA ARG A 204 -29.00 1.16 15.24
C ARG A 204 -30.33 1.42 15.95
N PRO A 205 -30.61 2.70 16.28
CA PRO A 205 -31.85 3.10 16.96
C PRO A 205 -33.09 2.62 16.19
N ASP A 206 -32.95 2.60 14.88
CA ASP A 206 -34.00 2.18 13.97
C ASP A 206 -33.37 1.52 12.74
N ASP A 207 -34.09 1.55 11.62
CA ASP A 207 -33.57 0.94 10.39
C ASP A 207 -33.15 1.94 9.32
N LYS A 208 -32.99 3.20 9.71
CA LYS A 208 -32.55 4.24 8.77
C LYS A 208 -31.47 5.08 9.45
N THR A 209 -30.94 4.55 10.56
CA THR A 209 -29.91 5.24 11.32
C THR A 209 -28.85 4.27 11.84
N ASN A 210 -27.58 4.61 11.60
CA ASN A 210 -26.43 3.79 12.02
C ASN A 210 -25.20 4.60 12.44
N PHE A 211 -24.72 4.35 13.64
CA PHE A 211 -23.54 5.02 14.17
C PHE A 211 -22.54 4.01 14.69
N THR A 212 -21.44 3.81 13.98
CA THR A 212 -20.46 2.85 14.44
C THR A 212 -19.11 3.41 14.86
N PHE A 213 -18.79 3.18 16.14
CA PHE A 213 -17.54 3.63 16.73
C PHE A 213 -16.41 2.70 16.30
N LEU A 214 -15.40 3.30 15.69
CA LEU A 214 -14.26 2.55 15.20
C LEU A 214 -12.93 3.01 15.81
N SER A 215 -12.28 2.11 16.52
CA SER A 215 -11.00 2.46 17.12
C SER A 215 -9.96 1.37 16.81
N TYR A 216 -8.69 1.77 16.89
CA TYR A 216 -7.57 0.87 16.62
C TYR A 216 -6.39 1.32 17.48
N PHE A 217 -5.68 0.34 18.01
CA PHE A 217 -4.51 0.57 18.85
C PHE A 217 -3.49 -0.49 18.46
N GLN A 218 -2.27 -0.05 18.16
CA GLN A 218 -1.22 -0.98 17.74
C GLN A 218 0.13 -0.56 18.28
N ASN A 219 0.87 -1.53 18.80
CA ASN A 219 2.20 -1.26 19.31
C ASN A 219 3.23 -2.19 18.68
N GLU A 220 4.30 -1.61 18.14
CA GLU A 220 5.34 -2.39 17.51
C GLU A 220 6.73 -2.05 18.02
N PRO A 221 7.23 -2.83 18.99
CA PRO A 221 8.55 -2.63 19.59
C PRO A 221 9.60 -2.63 18.48
N GLU A 222 9.58 -3.68 17.66
CA GLU A 222 10.49 -3.81 16.53
C GLU A 222 9.76 -4.04 15.21
N THR A 223 10.05 -3.15 14.26
CA THR A 223 9.47 -3.12 12.91
C THR A 223 10.08 -4.06 11.88
N GLY A 224 11.38 -4.32 11.97
CA GLY A 224 12.04 -5.19 11.02
C GLY A 224 13.08 -4.51 10.13
N TYR A 225 13.47 -5.21 9.07
CA TYR A 225 14.45 -4.69 8.12
C TYR A 225 13.89 -3.66 7.14
N TYR A 226 14.68 -2.61 6.89
CA TYR A 226 14.28 -1.55 5.96
C TYR A 226 15.57 -0.91 5.38
N GLY A 227 16.56 -1.78 5.12
CA GLY A 227 17.85 -1.33 4.64
C GLY A 227 18.05 -1.39 3.14
N TRP A 228 19.22 -0.92 2.70
CA TRP A 228 19.56 -0.88 1.29
C TRP A 228 20.78 -1.71 0.94
N LEU A 229 20.73 -2.32 -0.24
CA LEU A 229 21.83 -3.13 -0.72
C LEU A 229 22.26 -2.65 -2.10
N PRO A 230 23.56 -2.70 -2.38
CA PRO A 230 24.14 -2.28 -3.66
C PRO A 230 23.75 -3.25 -4.77
N LYS A 231 23.70 -2.76 -6.01
CA LYS A 231 23.36 -3.63 -7.12
C LYS A 231 24.53 -4.62 -7.24
N GLU A 232 25.66 -4.23 -6.68
CA GLU A 232 26.84 -5.10 -6.69
C GLU A 232 26.75 -6.05 -5.52
N GLY A 233 26.42 -7.31 -5.82
CA GLY A 233 26.28 -8.32 -4.78
C GLY A 233 24.83 -8.75 -4.68
N THR A 234 24.00 -8.21 -5.55
CA THR A 234 22.59 -8.53 -5.60
C THR A 234 22.18 -8.76 -7.06
N VAL A 235 21.93 -7.69 -7.79
CA VAL A 235 21.54 -7.82 -9.19
C VAL A 235 22.73 -8.31 -10.01
N GLU A 236 23.90 -7.75 -9.72
CA GLU A 236 25.14 -8.09 -10.42
C GLU A 236 26.11 -8.78 -9.47
N PRO A 237 27.05 -9.56 -10.02
CA PRO A 237 28.02 -10.25 -9.16
C PRO A 237 29.07 -9.33 -8.59
N LEU A 238 29.63 -9.73 -7.45
CA LEU A 238 30.68 -8.94 -6.81
C LEU A 238 31.95 -9.14 -7.62
N PRO A 239 32.96 -8.28 -7.41
CA PRO A 239 34.15 -8.50 -8.21
C PRO A 239 34.60 -9.96 -8.14
N ASN A 240 34.55 -10.56 -6.95
CA ASN A 240 34.95 -11.96 -6.81
C ASN A 240 33.99 -12.94 -7.48
N GLY A 241 33.00 -12.41 -8.21
CA GLY A 241 32.05 -13.25 -8.91
C GLY A 241 30.89 -13.84 -8.11
N LYS A 242 30.88 -13.62 -6.80
CA LYS A 242 29.82 -14.14 -5.93
C LYS A 242 28.79 -13.06 -5.58
N ARG A 243 27.89 -13.39 -4.66
CA ARG A 243 26.84 -12.47 -4.23
C ARG A 243 26.49 -12.51 -2.75
N LEU A 244 25.87 -11.43 -2.28
CA LEU A 244 25.43 -11.33 -0.89
C LEU A 244 24.21 -12.24 -0.77
N PRO A 245 24.15 -13.07 0.27
CA PRO A 245 23.00 -13.97 0.44
C PRO A 245 21.71 -13.25 0.93
N THR A 246 20.57 -13.65 0.36
CA THR A 246 19.28 -13.06 0.69
C THR A 246 18.99 -12.69 2.16
N ASP A 247 19.64 -13.36 3.09
CA ASP A 247 19.43 -13.07 4.51
C ASP A 247 20.50 -12.13 5.05
N PHE A 248 21.34 -11.61 4.17
CA PHE A 248 22.40 -10.69 4.58
C PHE A 248 21.82 -9.45 5.23
N ASN A 249 22.51 -8.93 6.23
CA ASN A 249 22.09 -7.74 6.92
C ASN A 249 23.29 -6.82 7.08
N GLU A 250 23.19 -5.61 6.55
CA GLU A 250 24.30 -4.68 6.64
C GLU A 250 24.17 -3.60 7.70
N GLY A 251 23.16 -3.73 8.56
CA GLY A 251 22.97 -2.74 9.60
C GLY A 251 23.69 -3.12 10.88
N ALA A 252 23.60 -2.28 11.91
CA ALA A 252 24.25 -2.58 13.17
C ALA A 252 23.58 -3.73 13.89
N LYS A 253 24.24 -4.26 14.91
CA LYS A 253 23.68 -5.36 15.67
C LYS A 253 22.62 -4.74 16.56
N ASN A 254 22.75 -3.44 16.78
CA ASN A 254 21.85 -2.70 17.63
C ASN A 254 20.92 -1.73 16.89
N ASN A 255 20.57 -2.06 15.65
CA ASN A 255 19.64 -1.24 14.87
C ASN A 255 18.27 -1.41 15.52
N THR A 256 17.48 -0.35 15.58
CA THR A 256 16.18 -0.47 16.21
C THR A 256 15.14 0.33 15.44
N TYR A 257 13.92 -0.21 15.39
CA TYR A 257 12.81 0.41 14.65
C TYR A 257 11.44 0.16 15.31
N SER A 258 10.78 1.21 15.77
CA SER A 258 9.47 1.05 16.41
C SER A 258 8.39 2.00 15.89
N ARG A 259 7.14 1.51 15.89
CA ARG A 259 5.98 2.28 15.44
C ARG A 259 4.84 2.19 16.47
N ASN A 260 4.20 3.32 16.73
CA ASN A 260 3.07 3.33 17.67
C ASN A 260 1.83 4.02 17.10
N GLU A 261 0.73 3.28 17.05
CA GLU A 261 -0.54 3.76 16.50
C GLU A 261 -1.72 3.77 17.46
N LYS A 262 -2.39 4.92 17.54
CA LYS A 262 -3.59 5.12 18.36
C LYS A 262 -4.63 5.94 17.59
N MET A 263 -5.85 5.43 17.50
CA MET A 263 -6.89 6.17 16.77
C MET A 263 -8.33 5.82 17.18
N VAL A 264 -9.18 6.85 17.17
CA VAL A 264 -10.60 6.70 17.52
C VAL A 264 -11.42 7.51 16.53
N GLY A 265 -12.65 7.05 16.29
CA GLY A 265 -13.54 7.73 15.37
C GLY A 265 -14.88 7.01 15.18
N TYR A 266 -15.58 7.34 14.11
CA TYR A 266 -16.87 6.73 13.82
C TYR A 266 -17.35 6.87 12.38
N SER A 267 -18.27 5.99 12.02
CA SER A 267 -18.86 6.01 10.69
C SER A 267 -20.34 6.21 10.97
N PHE A 268 -20.92 7.24 10.36
CA PHE A 268 -22.32 7.56 10.59
C PHE A 268 -23.13 7.76 9.31
N ASP A 269 -24.38 7.31 9.36
CA ASP A 269 -25.27 7.46 8.23
C ASP A 269 -26.71 7.48 8.72
N HIS A 270 -27.50 8.37 8.13
CA HIS A 270 -28.90 8.49 8.49
C HIS A 270 -29.72 8.74 7.24
N GLU A 271 -30.79 7.96 7.10
CA GLU A 271 -31.71 8.09 5.98
C GLU A 271 -32.89 8.89 6.54
N PHE A 272 -32.99 10.15 6.16
CA PHE A 272 -34.07 11.02 6.63
C PHE A 272 -35.43 10.60 6.10
N ASN A 273 -35.54 10.54 4.78
CA ASN A 273 -36.80 10.16 4.14
C ASN A 273 -36.54 9.31 2.90
N ASP A 274 -37.18 9.67 1.79
CA ASP A 274 -37.02 8.92 0.54
C ASP A 274 -36.12 9.67 -0.43
N THR A 275 -35.84 10.93 -0.12
CA THR A 275 -35.02 11.75 -1.01
C THR A 275 -33.72 12.23 -0.36
N PHE A 276 -33.65 12.13 0.97
CA PHE A 276 -32.45 12.58 1.68
C PHE A 276 -31.83 11.62 2.67
N THR A 277 -30.52 11.45 2.54
CA THR A 277 -29.70 10.61 3.39
C THR A 277 -28.41 11.38 3.65
N VAL A 278 -27.87 11.26 4.84
CA VAL A 278 -26.63 11.96 5.15
C VAL A 278 -25.64 11.05 5.86
N ARG A 279 -24.38 11.11 5.45
CA ARG A 279 -23.38 10.29 6.11
C ARG A 279 -22.14 11.10 6.40
N GLN A 280 -21.58 10.90 7.59
CA GLN A 280 -20.38 11.59 8.02
C GLN A 280 -19.35 10.56 8.49
N ASN A 281 -18.08 10.84 8.20
CA ASN A 281 -16.97 9.95 8.60
C ASN A 281 -15.89 10.75 9.30
N LEU A 282 -15.63 10.39 10.56
CA LEU A 282 -14.62 11.10 11.35
C LEU A 282 -13.64 10.19 12.06
N ARG A 283 -12.41 10.68 12.22
CA ARG A 283 -11.35 9.93 12.92
C ARG A 283 -10.27 10.86 13.43
N PHE A 284 -9.68 10.50 14.58
CA PHE A 284 -8.56 11.25 15.12
C PHE A 284 -7.45 10.27 15.46
N ALA A 285 -6.20 10.60 15.13
CA ALA A 285 -5.12 9.69 15.46
C ALA A 285 -3.80 10.32 15.89
N GLU A 286 -3.12 9.65 16.80
CA GLU A 286 -1.81 10.11 17.25
C GLU A 286 -0.92 8.91 17.01
N ASN A 287 0.08 9.07 16.15
CA ASN A 287 1.00 7.97 15.81
C ASN A 287 2.44 8.40 15.98
N LYS A 288 3.27 7.48 16.45
CA LYS A 288 4.68 7.74 16.70
C LYS A 288 5.58 6.68 16.08
N THR A 289 6.82 7.07 15.79
CA THR A 289 7.79 6.15 15.25
C THR A 289 9.21 6.55 15.67
N SER A 290 10.08 5.55 15.80
CA SER A 290 11.47 5.77 16.20
C SER A 290 12.42 4.74 15.61
N GLN A 291 13.66 5.17 15.37
CA GLN A 291 14.67 4.26 14.83
C GLN A 291 16.12 4.69 15.07
N ASN A 292 16.97 3.67 15.15
CA ASN A 292 18.42 3.79 15.32
C ASN A 292 18.85 2.88 14.18
N SER A 293 19.07 3.47 13.00
CA SER A 293 19.41 2.65 11.86
C SER A 293 20.64 2.96 11.00
N VAL A 294 21.40 1.91 10.75
CA VAL A 294 22.58 1.96 9.91
C VAL A 294 22.13 1.30 8.60
N TYR A 295 22.13 2.06 7.50
CA TYR A 295 21.72 1.52 6.22
C TYR A 295 22.89 1.55 5.24
N GLY A 296 22.82 0.71 4.21
CA GLY A 296 23.90 0.67 3.25
C GLY A 296 23.81 1.82 2.27
N TYR A 297 24.94 2.22 1.71
CA TYR A 297 24.94 3.32 0.76
C TYR A 297 25.81 3.00 -0.46
N GLY A 298 25.62 1.80 -1.01
CA GLY A 298 26.38 1.39 -2.18
C GLY A 298 27.82 1.03 -1.90
N VAL A 299 28.48 0.44 -2.89
CA VAL A 299 29.88 0.07 -2.73
C VAL A 299 30.70 1.31 -3.04
N CYS A 300 31.90 1.36 -2.48
CA CYS A 300 32.81 2.49 -2.64
C CYS A 300 33.02 3.02 -4.05
N SER A 301 32.97 2.14 -5.03
CA SER A 301 33.14 2.52 -6.43
C SER A 301 31.89 3.14 -7.04
N ASP A 302 30.87 3.38 -6.22
CA ASP A 302 29.63 3.95 -6.68
C ASP A 302 29.76 5.47 -6.62
N PRO A 303 29.29 6.17 -7.66
CA PRO A 303 29.34 7.64 -7.75
C PRO A 303 28.87 8.32 -6.46
N ALA A 304 27.91 7.70 -5.78
CA ALA A 304 27.37 8.22 -4.55
C ALA A 304 28.44 8.39 -3.45
N ASN A 305 29.58 7.74 -3.61
CA ASN A 305 30.63 7.84 -2.62
C ASN A 305 31.89 8.50 -3.16
N ALA A 306 31.70 9.43 -4.08
CA ALA A 306 32.79 10.16 -4.70
C ALA A 306 33.59 10.96 -3.66
N TYR A 307 32.90 11.46 -2.66
CA TYR A 307 33.53 12.27 -1.63
C TYR A 307 33.83 11.53 -0.33
N SER A 308 33.70 10.21 -0.34
CA SER A 308 33.99 9.43 0.85
C SER A 308 35.49 9.24 1.09
N LYS A 309 35.99 9.78 2.19
CA LYS A 309 37.39 9.62 2.51
C LYS A 309 37.70 8.14 2.70
N GLN A 310 36.97 7.50 3.59
CA GLN A 310 37.17 6.08 3.86
C GLN A 310 37.23 5.28 2.57
N CYS A 311 36.41 5.68 1.60
CA CYS A 311 36.37 4.99 0.33
C CYS A 311 37.61 5.22 -0.54
N ALA A 312 38.05 6.46 -0.65
CA ALA A 312 39.22 6.78 -1.46
C ALA A 312 40.49 6.17 -0.85
N ALA A 313 40.47 5.95 0.45
CA ALA A 313 41.61 5.37 1.15
C ALA A 313 41.80 3.89 0.84
N LEU A 314 41.31 3.44 -0.32
CA LEU A 314 41.44 2.03 -0.72
C LEU A 314 41.93 1.89 -2.16
N ALA A 315 42.58 0.77 -2.44
CA ALA A 315 43.10 0.52 -3.78
C ALA A 315 41.95 0.54 -4.78
N PRO A 316 42.10 1.29 -5.88
CA PRO A 316 41.10 1.44 -6.96
C PRO A 316 40.25 0.22 -7.32
N ALA A 317 40.76 -0.97 -7.03
CA ALA A 317 40.03 -2.21 -7.34
C ALA A 317 39.19 -2.71 -6.17
N ASP A 318 39.48 -2.19 -4.97
CA ASP A 318 38.76 -2.58 -3.75
C ASP A 318 37.46 -1.79 -3.60
N LYS A 319 37.46 -0.59 -4.16
CA LYS A 319 36.29 0.29 -4.09
C LYS A 319 35.02 -0.45 -4.53
N GLY A 320 35.20 -1.47 -5.37
CA GLY A 320 34.06 -2.21 -5.90
C GLY A 320 33.46 -3.33 -5.07
N HIS A 321 34.12 -3.72 -3.97
CA HIS A 321 33.58 -4.78 -3.13
C HIS A 321 33.62 -4.41 -1.65
N TYR A 322 33.44 -3.13 -1.40
CA TYR A 322 33.40 -2.59 -0.04
C TYR A 322 32.11 -1.77 0.02
N LEU A 323 31.33 -1.96 1.09
CA LEU A 323 30.07 -1.25 1.23
C LEU A 323 30.15 -0.05 2.16
N ALA A 324 29.67 1.09 1.67
CA ALA A 324 29.65 2.33 2.44
C ALA A 324 28.35 2.34 3.22
N ARG A 325 28.38 2.87 4.43
CA ARG A 325 27.19 2.92 5.26
C ARG A 325 27.00 4.27 5.93
N LYS A 326 25.74 4.65 6.09
CA LYS A 326 25.34 5.91 6.76
C LYS A 326 24.32 5.53 7.82
N TYR A 327 23.84 6.49 8.59
CA TYR A 327 22.86 6.15 9.62
C TYR A 327 21.81 7.22 9.89
N VAL A 328 20.86 6.87 10.76
CA VAL A 328 19.81 7.79 11.15
C VAL A 328 19.28 7.47 12.53
N VAL A 329 18.86 8.52 13.23
CA VAL A 329 18.26 8.45 14.56
C VAL A 329 17.03 9.34 14.42
N ASP A 330 15.87 8.74 14.56
CA ASP A 330 14.63 9.47 14.38
C ASP A 330 13.65 9.28 15.54
N ASP A 331 12.85 10.32 15.79
CA ASP A 331 11.82 10.30 16.82
C ASP A 331 10.71 11.22 16.30
N GLU A 332 9.52 10.66 16.10
CA GLU A 332 8.40 11.42 15.58
C GLU A 332 7.07 11.20 16.28
N LYS A 333 6.26 12.26 16.32
CA LYS A 333 4.95 12.17 16.92
C LYS A 333 4.02 13.00 16.07
N LEU A 334 2.89 12.42 15.66
CA LEU A 334 1.94 13.18 14.84
C LEU A 334 0.48 12.89 15.18
N GLN A 335 -0.35 13.92 15.11
CA GLN A 335 -1.78 13.79 15.36
C GLN A 335 -2.46 14.14 14.04
N ASN A 336 -3.50 13.39 13.71
CA ASN A 336 -4.22 13.56 12.46
C ASN A 336 -5.74 13.45 12.68
N PHE A 337 -6.45 14.51 12.33
CA PHE A 337 -7.90 14.60 12.49
C PHE A 337 -8.55 14.75 11.12
N SER A 338 -9.68 14.07 10.94
CA SER A 338 -10.39 14.11 9.66
C SER A 338 -11.91 13.96 9.80
N VAL A 339 -12.65 14.69 8.97
CA VAL A 339 -14.11 14.63 8.91
C VAL A 339 -14.55 14.90 7.49
N ASP A 340 -15.43 14.05 7.01
CA ASP A 340 -15.97 14.19 5.67
C ASP A 340 -17.47 14.07 5.88
N THR A 341 -18.19 15.09 5.44
CA THR A 341 -19.63 15.09 5.58
C THR A 341 -20.24 15.16 4.20
N GLN A 342 -21.19 14.28 3.94
CA GLN A 342 -21.84 14.25 2.64
C GLN A 342 -23.35 14.08 2.71
N LEU A 343 -24.05 14.81 1.84
CA LEU A 343 -25.50 14.77 1.75
C LEU A 343 -25.89 14.15 0.42
N GLN A 344 -26.69 13.11 0.47
CA GLN A 344 -27.12 12.40 -0.74
C GLN A 344 -28.56 12.75 -1.11
N SER A 345 -28.72 13.34 -2.29
CA SER A 345 -30.03 13.74 -2.78
C SER A 345 -30.45 12.84 -3.93
N LYS A 346 -31.44 12.00 -3.67
CA LYS A 346 -31.96 11.09 -4.68
C LYS A 346 -33.21 11.71 -5.27
N PHE A 347 -33.27 11.81 -6.60
CA PHE A 347 -34.45 12.35 -7.27
C PHE A 347 -34.38 12.10 -8.77
N ALA A 348 -35.11 12.89 -9.55
CA ALA A 348 -35.10 12.70 -11.00
C ALA A 348 -35.78 13.80 -11.80
N THR A 349 -35.58 13.75 -13.11
CA THR A 349 -36.17 14.70 -14.03
C THR A 349 -36.76 13.90 -15.17
N GLY A 350 -37.85 13.20 -14.88
CA GLY A 350 -38.52 12.38 -15.88
C GLY A 350 -37.56 11.52 -16.68
N ASP A 351 -37.40 10.26 -16.27
CA ASP A 351 -36.51 9.32 -16.95
C ASP A 351 -35.05 9.73 -16.76
N ILE A 352 -34.86 10.85 -16.08
CA ILE A 352 -33.52 11.36 -15.80
C ILE A 352 -33.32 11.26 -14.29
N ASP A 353 -33.16 10.04 -13.80
CA ASP A 353 -32.96 9.82 -12.38
C ASP A 353 -31.60 10.36 -11.94
N HIS A 354 -31.61 11.06 -10.81
CA HIS A 354 -30.40 11.66 -10.27
C HIS A 354 -29.95 11.14 -8.91
N THR A 355 -28.67 11.27 -8.65
CA THR A 355 -28.05 10.89 -7.40
C THR A 355 -27.02 11.99 -7.20
N LEU A 356 -27.48 13.07 -6.58
CA LEU A 356 -26.65 14.24 -6.32
C LEU A 356 -25.85 14.15 -5.04
N LEU A 357 -24.52 14.17 -5.19
CA LEU A 357 -23.63 14.10 -4.05
C LEU A 357 -22.99 15.45 -3.82
N THR A 358 -23.09 15.93 -2.59
CA THR A 358 -22.49 17.20 -2.26
C THR A 358 -22.00 17.09 -0.84
N GLY A 359 -20.72 17.43 -0.62
CA GLY A 359 -20.18 17.36 0.72
C GLY A 359 -18.91 18.14 0.92
N VAL A 360 -18.47 18.22 2.18
CA VAL A 360 -17.27 18.94 2.52
C VAL A 360 -16.28 18.01 3.21
N ASP A 361 -15.03 18.09 2.78
CA ASP A 361 -13.99 17.24 3.33
C ASP A 361 -12.95 18.10 4.06
N PHE A 362 -12.63 17.70 5.30
CA PHE A 362 -11.64 18.44 6.06
C PHE A 362 -10.60 17.56 6.74
N MET A 363 -9.38 18.09 6.88
CA MET A 363 -8.28 17.38 7.53
C MET A 363 -7.12 18.29 7.93
N ARG A 364 -6.42 17.88 8.97
CA ARG A 364 -5.24 18.61 9.43
C ARG A 364 -4.25 17.57 9.91
N MET A 365 -2.98 17.81 9.65
CA MET A 365 -1.94 16.89 10.07
C MET A 365 -0.79 17.66 10.69
N ARG A 366 -0.23 17.10 11.75
CA ARG A 366 0.86 17.72 12.46
C ARG A 366 1.82 16.60 12.80
N ASN A 367 3.09 16.78 12.42
CA ASN A 367 4.15 15.80 12.69
C ASN A 367 5.41 16.54 13.15
N ASP A 368 5.87 16.22 14.35
CA ASP A 368 7.07 16.84 14.93
C ASP A 368 8.27 15.88 14.79
N ILE A 369 9.30 16.34 14.08
CA ILE A 369 10.46 15.52 13.84
C ILE A 369 11.75 15.96 14.54
N ASN A 370 12.39 15.01 15.19
CA ASN A 370 13.67 15.25 15.88
C ASN A 370 14.58 14.09 15.50
N ALA A 371 15.38 14.28 14.45
CA ALA A 371 16.26 13.22 14.00
C ALA A 371 17.71 13.70 13.86
N TRP A 372 18.59 12.74 13.64
CA TRP A 372 20.00 12.99 13.47
C TRP A 372 20.47 12.08 12.32
N PHE A 373 21.24 12.64 11.38
CA PHE A 373 21.73 11.84 10.25
C PHE A 373 23.23 11.85 9.98
N GLY A 374 23.79 10.65 9.85
CA GLY A 374 25.19 10.51 9.54
C GLY A 374 25.41 10.60 8.04
N TYR A 375 26.42 11.36 7.63
CA TYR A 375 26.73 11.55 6.21
C TYR A 375 27.94 10.70 5.83
N ASP A 376 28.71 11.16 4.86
CA ASP A 376 29.90 10.41 4.44
C ASP A 376 30.84 10.15 5.60
N ASP A 377 31.46 8.97 5.59
CA ASP A 377 32.40 8.58 6.63
C ASP A 377 31.85 8.75 8.03
N SER A 378 30.57 8.44 8.23
CA SER A 378 29.97 8.58 9.55
C SER A 378 29.93 7.23 10.27
N VAL A 379 30.11 6.16 9.51
CA VAL A 379 30.10 4.80 10.06
C VAL A 379 31.03 3.91 9.23
N PRO A 380 31.61 2.87 9.86
CA PRO A 380 32.54 1.91 9.23
C PRO A 380 32.26 1.54 7.78
N LEU A 381 32.91 0.47 7.34
CA LEU A 381 32.73 -0.04 5.99
C LEU A 381 32.62 -1.55 6.11
N LEU A 382 32.06 -2.19 5.09
CA LEU A 382 31.94 -3.64 5.12
C LEU A 382 32.56 -4.25 3.86
N ASN A 383 33.48 -5.18 4.07
CA ASN A 383 34.09 -5.84 2.94
C ASN A 383 33.10 -6.92 2.54
N LEU A 384 32.39 -6.67 1.46
CA LEU A 384 31.38 -7.62 0.99
C LEU A 384 31.91 -8.99 0.62
N TYR A 385 33.22 -9.21 0.75
CA TYR A 385 33.78 -10.52 0.45
C TYR A 385 33.44 -11.45 1.60
N ASN A 386 32.19 -11.86 1.61
CA ASN A 386 31.66 -12.79 2.59
C ASN A 386 30.50 -13.58 2.00
N PRO A 387 30.49 -13.79 0.68
CA PRO A 387 29.39 -14.57 0.11
C PRO A 387 29.75 -16.00 0.53
N SER A 388 30.64 -16.62 -0.22
CA SER A 388 31.11 -17.98 0.06
C SER A 388 30.03 -19.04 0.26
N SER A 389 30.33 -20.27 -0.11
CA SER A 389 29.39 -21.36 0.08
C SER A 389 29.25 -21.62 1.57
N HIS A 390 29.56 -20.61 2.38
CA HIS A 390 29.42 -20.75 3.82
C HIS A 390 28.22 -19.93 4.24
N HIS A 391 28.36 -18.61 4.15
CA HIS A 391 27.26 -17.72 4.48
C HIS A 391 26.35 -17.80 3.26
N HIS A 392 25.55 -18.85 3.19
CA HIS A 392 24.66 -19.08 2.06
C HIS A 392 24.15 -20.46 2.39
N HIS A 393 25.15 -21.32 2.57
CA HIS A 393 25.00 -22.73 2.91
C HIS A 393 24.70 -22.79 4.41
N HIS A 394 25.73 -22.69 5.23
CA HIS A 394 25.54 -22.71 6.67
C HIS A 394 24.92 -21.38 7.06
N HIS A 395 24.84 -21.07 8.35
CA HIS A 395 24.21 -19.82 8.79
C HIS A 395 24.35 -18.67 7.80
N GLY A 396 23.44 -18.68 6.82
CA GLY A 396 23.38 -17.70 5.75
C GLY A 396 24.12 -16.40 5.97
N SER A 397 24.07 -15.87 7.18
CA SER A 397 24.75 -14.62 7.45
C SER A 397 25.13 -14.46 8.90
N SER A 398 26.14 -13.63 9.12
CA SER A 398 26.62 -13.36 10.46
C SER A 398 26.24 -11.93 10.78
N VAL A 399 25.57 -11.75 11.91
CA VAL A 399 25.17 -10.42 12.35
C VAL A 399 26.43 -9.58 12.31
N ASN A 400 26.29 -8.25 12.20
CA ASN A 400 27.45 -7.38 12.19
C ASN A 400 27.77 -6.95 13.61
N THR A 401 28.53 -5.86 13.75
CA THR A 401 28.92 -5.36 15.07
C THR A 401 27.97 -4.27 15.54
N ASP A 402 28.13 -3.85 16.79
CA ASP A 402 27.29 -2.80 17.35
C ASP A 402 27.61 -1.49 16.64
N PHE A 403 27.22 -0.38 17.26
CA PHE A 403 27.49 0.94 16.70
C PHE A 403 27.01 1.97 17.69
N ASP A 404 27.75 3.05 17.82
CA ASP A 404 27.36 4.09 18.75
C ASP A 404 26.44 5.08 18.04
N PHE A 405 25.17 5.07 18.45
CA PHE A 405 24.19 5.97 17.87
C PHE A 405 24.23 7.27 18.66
N ASN A 406 25.10 7.30 19.66
CA ASN A 406 25.27 8.47 20.51
C ASN A 406 26.56 9.18 20.15
N ALA A 407 26.82 10.29 20.83
CA ALA A 407 28.03 11.07 20.56
C ALA A 407 28.13 11.18 19.04
N LYS A 408 27.23 11.98 18.48
CA LYS A 408 27.19 12.18 17.06
C LYS A 408 28.21 13.23 16.63
N ASP A 409 29.27 12.76 15.99
CA ASP A 409 30.35 13.63 15.54
C ASP A 409 29.82 14.72 14.59
N PRO A 410 30.05 15.99 14.95
CA PRO A 410 29.61 17.15 14.16
C PRO A 410 30.31 17.20 12.81
N ALA A 411 31.36 16.39 12.68
CA ALA A 411 32.15 16.33 11.46
C ALA A 411 31.55 15.42 10.40
N ASN A 412 30.96 14.30 10.83
CA ASN A 412 30.37 13.36 9.88
C ASN A 412 28.85 13.27 9.93
N SER A 413 28.25 13.84 10.97
CA SER A 413 26.79 13.82 11.09
C SER A 413 26.22 15.18 11.46
N GLY A 414 24.90 15.26 11.56
CA GLY A 414 24.25 16.50 11.89
C GLY A 414 22.84 16.27 12.38
N PRO A 415 22.21 17.27 13.01
CA PRO A 415 20.85 17.13 13.50
C PRO A 415 19.79 17.61 12.50
N TYR A 416 18.62 17.01 12.58
CA TYR A 416 17.47 17.35 11.72
C TYR A 416 16.26 17.51 12.63
N ARG A 417 15.72 18.71 12.71
CA ARG A 417 14.54 18.95 13.56
C ARG A 417 13.51 19.78 12.83
N ILE A 418 12.40 19.13 12.49
CA ILE A 418 11.34 19.77 11.74
C ILE A 418 9.94 19.55 12.30
N LEU A 419 9.09 20.53 12.10
CA LEU A 419 7.70 20.49 12.52
C LEU A 419 6.86 20.82 11.29
N ASN A 420 6.17 19.81 10.77
CA ASN A 420 5.34 20.00 9.59
C ASN A 420 3.86 20.06 9.91
N LYS A 421 3.19 21.00 9.27
CA LYS A 421 1.76 21.17 9.43
C LYS A 421 1.14 21.03 8.06
N GLN A 422 -0.05 20.44 8.02
CA GLN A 422 -0.78 20.25 6.78
C GLN A 422 -2.26 20.43 7.08
N LYS A 423 -2.97 21.12 6.21
CA LYS A 423 -4.39 21.37 6.40
C LYS A 423 -5.02 21.35 5.02
N GLN A 424 -6.16 20.68 4.89
CA GLN A 424 -6.85 20.62 3.60
C GLN A 424 -8.34 20.70 3.81
N THR A 425 -8.99 21.53 3.01
CA THR A 425 -10.44 21.68 3.10
C THR A 425 -10.97 21.68 1.70
N GLY A 426 -11.86 20.74 1.40
CA GLY A 426 -12.42 20.68 0.08
C GLY A 426 -13.93 20.51 0.03
N VAL A 427 -14.52 21.07 -1.01
CA VAL A 427 -15.96 20.98 -1.24
C VAL A 427 -16.15 20.37 -2.61
N TYR A 428 -17.05 19.41 -2.71
CA TYR A 428 -17.28 18.74 -3.99
C TYR A 428 -18.76 18.51 -4.31
N VAL A 429 -19.03 18.28 -5.59
CA VAL A 429 -20.37 18.03 -6.08
C VAL A 429 -20.25 17.00 -7.19
N GLN A 430 -21.12 16.00 -7.16
CA GLN A 430 -21.10 14.94 -8.16
C GLN A 430 -22.47 14.33 -8.34
N ASP A 431 -22.90 14.22 -9.60
CA ASP A 431 -24.18 13.61 -9.88
C ASP A 431 -24.05 12.37 -10.74
N GLN A 432 -24.86 11.38 -10.41
CA GLN A 432 -24.89 10.13 -11.13
C GLN A 432 -26.29 10.06 -11.73
N ALA A 433 -26.40 10.47 -12.99
CA ALA A 433 -27.68 10.45 -13.67
C ALA A 433 -27.74 9.26 -14.62
N GLN A 434 -28.65 8.33 -14.34
CA GLN A 434 -28.81 7.17 -15.21
C GLN A 434 -30.06 7.35 -16.04
N TRP A 435 -29.90 7.26 -17.35
CA TRP A 435 -31.00 7.43 -18.28
C TRP A 435 -31.32 6.09 -18.93
N ASP A 436 -31.69 5.10 -18.12
CA ASP A 436 -32.00 3.78 -18.62
C ASP A 436 -30.91 3.26 -19.53
N LYS A 437 -29.90 2.64 -18.92
CA LYS A 437 -28.77 2.06 -19.63
C LYS A 437 -27.66 3.06 -20.00
N VAL A 438 -27.90 4.34 -19.71
CA VAL A 438 -26.90 5.35 -20.01
C VAL A 438 -26.50 6.10 -18.73
N LEU A 439 -25.76 5.42 -17.87
CA LEU A 439 -25.30 6.06 -16.64
C LEU A 439 -24.20 7.05 -16.95
N VAL A 440 -24.33 8.25 -16.39
CA VAL A 440 -23.35 9.29 -16.61
C VAL A 440 -22.93 9.93 -15.28
N THR A 441 -21.64 9.99 -15.05
CA THR A 441 -21.11 10.56 -13.83
C THR A 441 -20.34 11.84 -14.17
N LEU A 442 -20.54 12.87 -13.37
CA LEU A 442 -19.86 14.15 -13.61
C LEU A 442 -19.81 14.93 -12.30
N GLY A 443 -18.60 15.24 -11.84
CA GLY A 443 -18.48 15.98 -10.59
C GLY A 443 -17.25 16.86 -10.50
N GLY A 444 -17.16 17.62 -9.42
CA GLY A 444 -16.03 18.51 -9.24
C GLY A 444 -15.72 18.75 -7.79
N ARG A 445 -14.52 19.27 -7.54
CA ARG A 445 -14.08 19.56 -6.18
C ARG A 445 -13.05 20.69 -6.16
N TYR A 446 -13.19 21.56 -5.16
CA TYR A 446 -12.29 22.68 -4.98
C TYR A 446 -11.58 22.42 -3.66
N ASP A 447 -10.25 22.46 -3.68
CA ASP A 447 -9.47 22.21 -2.48
C ASP A 447 -8.65 23.39 -2.00
N TRP A 448 -8.42 23.40 -0.69
CA TRP A 448 -7.63 24.42 -0.03
C TRP A 448 -6.57 23.65 0.74
N ALA A 449 -5.40 23.48 0.13
CA ALA A 449 -4.33 22.76 0.78
C ALA A 449 -3.30 23.75 1.28
N ASP A 450 -3.13 23.82 2.60
CA ASP A 450 -2.16 24.73 3.19
C ASP A 450 -1.13 23.95 4.00
N GLN A 451 0.15 24.23 3.77
CA GLN A 451 1.23 23.56 4.49
C GLN A 451 2.15 24.57 5.17
N GLU A 452 2.86 24.13 6.18
CA GLU A 452 3.77 25.01 6.89
C GLU A 452 4.86 24.22 7.63
N SER A 453 6.11 24.37 7.19
CA SER A 453 7.21 23.67 7.83
C SER A 453 8.10 24.58 8.67
N LEU A 454 8.42 24.12 9.86
CA LEU A 454 9.28 24.86 10.75
C LEU A 454 10.59 24.12 10.95
N ASN A 455 11.69 24.74 10.58
CA ASN A 455 12.99 24.14 10.78
C ASN A 455 13.51 24.64 12.11
N ARG A 456 13.33 23.82 13.14
CA ARG A 456 13.77 24.17 14.48
C ARG A 456 15.26 24.49 14.54
N VAL A 457 16.06 23.85 13.70
CA VAL A 457 17.51 24.08 13.69
C VAL A 457 17.92 25.37 12.99
N ALA A 458 17.31 25.67 11.85
CA ALA A 458 17.66 26.88 11.12
C ALA A 458 16.81 28.04 11.59
N GLY A 459 15.82 27.73 12.44
CA GLY A 459 14.94 28.76 12.94
C GLY A 459 14.23 29.40 11.75
N THR A 460 13.85 28.57 10.79
CA THR A 460 13.18 29.05 9.59
C THR A 460 11.78 28.46 9.41
N THR A 461 10.93 29.16 8.66
CA THR A 461 9.58 28.66 8.40
C THR A 461 9.10 28.84 6.96
N ASP A 462 8.91 27.73 6.26
CA ASP A 462 8.43 27.74 4.89
C ASP A 462 6.94 27.49 4.88
N LYS A 463 6.21 28.26 4.07
CA LYS A 463 4.77 28.09 4.01
C LYS A 463 4.21 28.25 2.61
N ARG A 464 3.03 27.68 2.41
CA ARG A 464 2.34 27.78 1.14
C ARG A 464 0.92 27.27 1.24
N ASP A 465 0.02 28.04 0.64
CA ASP A 465 -1.40 27.69 0.58
C ASP A 465 -1.68 27.48 -0.90
N ASP A 466 -2.36 26.40 -1.22
CA ASP A 466 -2.68 26.11 -2.59
C ASP A 466 -4.18 26.12 -2.72
N LYS A 467 -4.64 26.40 -3.93
CA LYS A 467 -6.05 26.42 -4.21
C LYS A 467 -6.17 25.75 -5.55
N GLN A 468 -6.76 24.55 -5.55
CA GLN A 468 -6.90 23.76 -6.77
C GLN A 468 -8.34 23.33 -7.08
N PHE A 469 -8.54 22.92 -8.33
CA PHE A 469 -9.83 22.45 -8.78
C PHE A 469 -9.65 21.23 -9.66
N THR A 470 -10.49 20.24 -9.44
CA THR A 470 -10.45 19.00 -10.19
C THR A 470 -11.88 18.55 -10.47
N TRP A 471 -12.09 17.96 -11.64
CA TRP A 471 -13.41 17.49 -12.03
C TRP A 471 -13.25 16.19 -12.79
N ARG A 472 -14.30 15.38 -12.81
CA ARG A 472 -14.27 14.12 -13.52
C ARG A 472 -15.61 13.91 -14.20
N GLY A 473 -15.56 13.41 -15.42
CA GLY A 473 -16.77 13.11 -16.17
C GLY A 473 -16.63 11.76 -16.84
N GLY A 474 -17.72 10.99 -16.87
CA GLY A 474 -17.66 9.67 -17.50
C GLY A 474 -19.02 9.06 -17.78
N VAL A 475 -19.04 8.07 -18.68
CA VAL A 475 -20.28 7.43 -19.04
C VAL A 475 -20.12 5.92 -19.11
N ASN A 476 -21.12 5.21 -18.58
CA ASN A 476 -21.15 3.76 -18.59
C ASN A 476 -22.40 3.35 -19.33
N TYR A 477 -22.26 2.47 -20.32
CA TYR A 477 -23.43 2.02 -21.06
C TYR A 477 -23.77 0.61 -20.62
N LEU A 478 -24.49 0.53 -19.51
CA LEU A 478 -24.89 -0.77 -18.97
C LEU A 478 -25.90 -1.41 -19.92
N PHE A 479 -25.55 -2.57 -20.45
CA PHE A 479 -26.44 -3.29 -21.35
C PHE A 479 -27.55 -3.90 -20.52
N ASP A 480 -27.56 -5.23 -20.47
CA ASP A 480 -28.55 -5.99 -19.70
C ASP A 480 -28.20 -7.46 -19.81
N ASN A 481 -27.16 -7.75 -20.58
CA ASN A 481 -26.68 -9.12 -20.77
C ASN A 481 -25.41 -9.23 -19.92
N GLY A 482 -24.86 -8.07 -19.56
CA GLY A 482 -23.66 -8.03 -18.74
C GLY A 482 -22.67 -6.97 -19.19
N VAL A 483 -22.20 -7.10 -20.42
CA VAL A 483 -21.24 -6.17 -20.99
C VAL A 483 -21.54 -4.70 -20.74
N THR A 484 -20.67 -4.05 -19.98
CA THR A 484 -20.86 -2.64 -19.66
C THR A 484 -19.65 -1.83 -20.09
N PRO A 485 -19.79 -1.10 -21.21
CA PRO A 485 -18.71 -0.27 -21.72
C PRO A 485 -18.65 1.05 -20.99
N TYR A 486 -17.46 1.61 -20.86
CA TYR A 486 -17.31 2.89 -20.17
C TYR A 486 -16.09 3.67 -20.63
N PHE A 487 -16.04 4.94 -20.25
CA PHE A 487 -14.92 5.79 -20.57
C PHE A 487 -15.05 7.00 -19.65
N SER A 488 -13.95 7.74 -19.49
CA SER A 488 -14.01 8.90 -18.62
C SER A 488 -12.72 9.69 -18.59
N TYR A 489 -12.85 10.93 -18.16
CA TYR A 489 -11.72 11.84 -18.03
C TYR A 489 -11.58 12.11 -16.53
N SER A 490 -10.35 12.30 -16.06
CA SER A 490 -10.14 12.53 -14.64
C SER A 490 -8.91 13.36 -14.30
N GLU A 491 -9.02 14.19 -13.27
CA GLU A 491 -7.90 15.04 -12.85
C GLU A 491 -7.49 14.79 -11.41
N SER A 492 -6.27 15.21 -11.09
CA SER A 492 -5.71 15.07 -9.75
C SER A 492 -4.63 16.12 -9.55
N PHE A 493 -4.36 16.49 -8.30
CA PHE A 493 -3.30 17.45 -8.01
C PHE A 493 -2.55 17.03 -6.76
N GLU A 494 -1.31 17.49 -6.61
CA GLU A 494 -0.50 17.14 -5.45
C GLU A 494 0.47 18.27 -5.13
N PRO A 495 0.29 18.91 -3.97
CA PRO A 495 1.17 20.01 -3.56
C PRO A 495 2.60 19.52 -3.35
N SER A 496 3.57 20.42 -3.45
CA SER A 496 4.97 20.06 -3.26
C SER A 496 5.46 20.54 -1.91
N SER A 497 6.28 19.73 -1.25
CA SER A 497 6.82 20.11 0.04
C SER A 497 8.27 20.56 -0.13
N GLN A 498 8.71 20.62 -1.38
CA GLN A 498 10.07 21.02 -1.72
C GLN A 498 10.24 22.52 -1.96
N VAL A 499 11.44 23.00 -1.67
CA VAL A 499 11.75 24.40 -1.83
C VAL A 499 12.66 24.56 -3.04
N GLY A 500 12.46 25.65 -3.78
CA GLY A 500 13.26 25.87 -4.97
C GLY A 500 14.50 26.73 -4.82
N LYS A 501 15.08 27.08 -5.97
CA LYS A 501 16.28 27.90 -6.03
C LYS A 501 16.02 29.27 -5.40
N ASP A 502 14.79 29.74 -5.52
CA ASP A 502 14.40 31.05 -4.99
C ASP A 502 14.12 31.04 -3.49
N GLY A 503 13.75 29.89 -2.95
CA GLY A 503 13.45 29.79 -1.53
C GLY A 503 11.97 29.60 -1.26
N ASN A 504 11.20 29.37 -2.32
CA ASN A 504 9.77 29.16 -2.20
C ASN A 504 9.36 27.71 -2.40
N ILE A 505 8.12 27.40 -2.03
CA ILE A 505 7.57 26.07 -2.15
C ILE A 505 7.08 25.88 -3.59
N PHE A 506 7.60 24.86 -4.27
CA PHE A 506 7.19 24.60 -5.65
C PHE A 506 5.67 24.52 -5.79
N ALA A 507 5.20 24.71 -7.00
CA ALA A 507 3.77 24.63 -7.27
C ALA A 507 3.39 23.16 -7.31
N PRO A 508 2.09 22.85 -7.13
CA PRO A 508 1.60 21.47 -7.14
C PRO A 508 1.75 20.78 -8.49
N SER A 509 1.85 19.45 -8.48
CA SER A 509 1.93 18.69 -9.72
C SER A 509 0.52 18.24 -10.01
N LYS A 510 0.23 17.92 -11.27
CA LYS A 510 -1.11 17.51 -11.63
C LYS A 510 -1.22 16.20 -12.39
N GLY A 511 -2.37 15.55 -12.25
CA GLY A 511 -2.62 14.30 -12.93
C GLY A 511 -3.73 14.45 -13.96
N LYS A 512 -3.47 13.94 -15.16
CA LYS A 512 -4.43 14.00 -16.26
C LYS A 512 -4.55 12.60 -16.85
N GLN A 513 -5.76 12.03 -16.81
CA GLN A 513 -5.99 10.70 -17.35
C GLN A 513 -7.23 10.52 -18.20
N TYR A 514 -7.04 9.79 -19.29
CA TYR A 514 -8.11 9.45 -20.22
C TYR A 514 -8.15 7.93 -20.17
N GLU A 515 -9.33 7.37 -19.89
CA GLU A 515 -9.48 5.92 -19.85
C GLU A 515 -10.80 5.47 -20.46
N VAL A 516 -10.74 4.35 -21.18
CA VAL A 516 -11.91 3.76 -21.80
C VAL A 516 -11.79 2.28 -21.48
N GLY A 517 -12.87 1.53 -21.62
CA GLY A 517 -12.80 0.11 -21.33
C GLY A 517 -14.18 -0.50 -21.21
N VAL A 518 -14.21 -1.80 -20.92
CA VAL A 518 -15.48 -2.51 -20.76
C VAL A 518 -15.46 -3.42 -19.54
N LYS A 519 -16.61 -3.55 -18.92
CA LYS A 519 -16.73 -4.40 -17.73
C LYS A 519 -17.83 -5.43 -17.92
N TYR A 520 -17.51 -6.67 -17.56
CA TYR A 520 -18.48 -7.76 -17.67
C TYR A 520 -18.89 -8.20 -16.28
N VAL A 521 -20.06 -7.76 -15.86
CA VAL A 521 -20.57 -8.11 -14.55
C VAL A 521 -21.94 -8.73 -14.68
N PRO A 522 -22.02 -9.93 -15.30
CA PRO A 522 -23.28 -10.62 -15.48
C PRO A 522 -23.92 -10.96 -14.13
N GLU A 523 -25.24 -10.79 -14.03
CA GLU A 523 -25.94 -11.06 -12.78
C GLU A 523 -26.39 -12.51 -12.63
N ASP A 524 -26.44 -13.24 -13.72
CA ASP A 524 -26.86 -14.64 -13.70
C ASP A 524 -25.71 -15.60 -13.49
N ARG A 525 -24.49 -15.07 -13.43
CA ARG A 525 -23.31 -15.91 -13.26
C ARG A 525 -22.30 -15.30 -12.29
N PRO A 526 -21.75 -16.13 -11.38
CA PRO A 526 -20.77 -15.67 -10.39
C PRO A 526 -19.41 -15.41 -11.05
N ILE A 527 -19.40 -14.48 -12.00
CA ILE A 527 -18.18 -14.14 -12.72
C ILE A 527 -18.10 -12.64 -12.98
N VAL A 528 -16.87 -12.13 -13.03
CA VAL A 528 -16.62 -10.72 -13.28
C VAL A 528 -15.31 -10.56 -14.05
N VAL A 529 -15.37 -9.82 -15.14
CA VAL A 529 -14.17 -9.61 -15.94
C VAL A 529 -14.09 -8.18 -16.42
N THR A 530 -12.90 -7.60 -16.31
CA THR A 530 -12.70 -6.24 -16.73
C THR A 530 -11.44 -6.08 -17.55
N GLY A 531 -11.41 -4.96 -18.27
CA GLY A 531 -10.29 -4.62 -19.11
C GLY A 531 -10.40 -3.13 -19.35
N ALA A 532 -9.26 -2.47 -19.47
CA ALA A 532 -9.25 -1.04 -19.71
C ALA A 532 -7.89 -0.65 -20.24
N VAL A 533 -7.87 0.48 -20.95
CA VAL A 533 -6.66 1.04 -21.52
C VAL A 533 -6.72 2.51 -21.08
N TYR A 534 -5.59 3.07 -20.71
CA TYR A 534 -5.59 4.43 -20.21
C TYR A 534 -4.36 5.23 -20.58
N ASN A 535 -4.54 6.56 -20.57
CA ASN A 535 -3.44 7.47 -20.83
C ASN A 535 -3.42 8.49 -19.68
N LEU A 536 -2.54 8.23 -18.73
CA LEU A 536 -2.37 9.06 -17.54
C LEU A 536 -1.10 9.89 -17.61
N THR A 537 -1.24 11.20 -17.45
CA THR A 537 -0.10 12.10 -17.50
C THR A 537 0.04 13.03 -16.30
N LYS A 538 1.24 13.01 -15.71
CA LYS A 538 1.56 13.86 -14.57
C LYS A 538 2.41 15.01 -15.10
N THR A 539 2.10 16.23 -14.68
CA THR A 539 2.85 17.39 -15.14
C THR A 539 3.39 18.23 -14.01
N ASN A 540 4.36 19.07 -14.34
CA ASN A 540 5.01 19.95 -13.38
C ASN A 540 5.70 19.09 -12.35
N ASN A 541 6.39 18.06 -12.83
CA ASN A 541 7.13 17.15 -11.98
C ASN A 541 8.46 17.87 -11.70
N LEU A 542 9.07 17.65 -10.54
CA LEU A 542 10.32 18.31 -10.25
C LEU A 542 11.49 17.60 -10.94
N MET A 543 12.30 18.37 -11.65
CA MET A 543 13.45 17.81 -12.37
C MET A 543 14.75 18.54 -12.05
N ALA A 544 15.86 17.98 -12.52
CA ALA A 544 17.17 18.57 -12.28
C ALA A 544 17.26 19.96 -12.89
N ASP A 545 17.96 20.86 -12.22
CA ASP A 545 18.12 22.21 -12.74
C ASP A 545 19.01 22.17 -13.96
N PRO A 546 18.55 22.75 -15.07
CA PRO A 546 19.30 22.79 -16.32
C PRO A 546 20.80 23.07 -16.15
N GLU A 547 21.16 23.84 -15.13
CA GLU A 547 22.58 24.15 -14.88
C GLU A 547 23.07 23.75 -13.49
N GLY A 548 22.92 22.46 -13.16
CA GLY A 548 23.34 21.91 -11.88
C GLY A 548 23.44 22.95 -10.77
N SER A 549 22.41 23.04 -9.94
CA SER A 549 22.42 24.03 -8.87
C SER A 549 22.03 23.52 -7.50
N PHE A 550 22.02 22.20 -7.31
CA PHE A 550 21.64 21.65 -6.02
C PHE A 550 20.12 21.74 -5.82
N PHE A 551 19.47 22.65 -6.54
CA PHE A 551 18.02 22.82 -6.45
C PHE A 551 17.32 22.17 -7.64
N SER A 552 16.02 21.98 -7.52
CA SER A 552 15.25 21.37 -8.59
C SER A 552 14.51 22.46 -9.33
N VAL A 553 13.81 22.05 -10.38
CA VAL A 553 13.02 22.96 -11.18
C VAL A 553 11.77 22.21 -11.58
N GLU A 554 10.65 22.91 -11.71
CA GLU A 554 9.42 22.22 -12.10
C GLU A 554 9.33 22.16 -13.61
N GLY A 555 8.22 21.64 -14.13
CA GLY A 555 8.06 21.54 -15.57
C GLY A 555 8.14 20.11 -16.06
N GLY A 556 8.86 19.28 -15.32
CA GLY A 556 8.98 17.89 -15.70
C GLY A 556 7.62 17.27 -15.93
N GLU A 557 7.54 16.38 -16.92
CA GLU A 557 6.30 15.74 -17.26
C GLU A 557 6.53 14.26 -17.56
N ILE A 558 5.69 13.38 -16.99
CA ILE A 558 5.80 11.93 -17.22
C ILE A 558 4.49 11.36 -17.72
N ARG A 559 4.56 10.40 -18.64
CA ARG A 559 3.37 9.75 -19.16
C ARG A 559 3.37 8.25 -18.94
N ALA A 560 2.23 7.75 -18.47
CA ALA A 560 2.04 6.34 -18.24
C ALA A 560 0.76 5.98 -19.00
N ARG A 561 0.86 4.95 -19.84
CA ARG A 561 -0.29 4.50 -20.60
C ARG A 561 -0.23 3.00 -20.67
N GLY A 562 -1.36 2.35 -20.43
CA GLY A 562 -1.32 0.90 -20.45
C GLY A 562 -2.63 0.16 -20.56
N VAL A 563 -2.52 -1.15 -20.39
CA VAL A 563 -3.67 -2.02 -20.47
C VAL A 563 -3.75 -2.89 -19.23
N GLU A 564 -4.94 -2.98 -18.66
CA GLU A 564 -5.13 -3.79 -17.48
C GLU A 564 -6.39 -4.63 -17.67
N ILE A 565 -6.31 -5.89 -17.29
CA ILE A 565 -7.44 -6.79 -17.36
C ILE A 565 -7.45 -7.61 -16.09
N GLU A 566 -8.61 -7.69 -15.46
CA GLU A 566 -8.75 -8.48 -14.24
C GLU A 566 -9.87 -9.47 -14.48
N ALA A 567 -9.75 -10.64 -13.85
CA ALA A 567 -10.76 -11.66 -14.00
C ALA A 567 -10.90 -12.55 -12.76
N LYS A 568 -12.14 -12.75 -12.33
CA LYS A 568 -12.47 -13.56 -11.17
C LYS A 568 -13.77 -14.30 -11.46
N ALA A 569 -13.75 -15.61 -11.37
CA ALA A 569 -14.95 -16.38 -11.65
C ALA A 569 -14.87 -17.79 -11.11
N ALA A 570 -16.02 -18.32 -10.69
CA ALA A 570 -16.10 -19.68 -10.18
C ALA A 570 -16.33 -20.61 -11.38
N LEU A 571 -15.40 -21.53 -11.62
CA LEU A 571 -15.51 -22.44 -12.76
C LEU A 571 -16.38 -23.67 -12.50
N SER A 572 -16.41 -24.14 -11.26
CA SER A 572 -17.21 -25.29 -10.88
C SER A 572 -17.77 -25.03 -9.48
N ALA A 573 -18.02 -26.09 -8.72
CA ALA A 573 -18.54 -25.92 -7.38
C ALA A 573 -17.40 -26.07 -6.37
N SER A 574 -16.23 -26.37 -6.90
CA SER A 574 -15.04 -26.55 -6.09
C SER A 574 -13.82 -25.83 -6.65
N VAL A 575 -13.94 -25.30 -7.87
CA VAL A 575 -12.85 -24.60 -8.51
C VAL A 575 -13.09 -23.12 -8.74
N ASN A 576 -12.26 -22.29 -8.14
CA ASN A 576 -12.36 -20.85 -8.29
C ASN A 576 -11.05 -20.35 -8.91
N VAL A 577 -11.12 -19.26 -9.65
CA VAL A 577 -9.94 -18.68 -10.29
C VAL A 577 -9.93 -17.15 -10.29
N VAL A 578 -8.74 -16.60 -10.16
CA VAL A 578 -8.51 -15.17 -10.12
C VAL A 578 -7.21 -14.83 -10.87
N GLY A 579 -7.22 -13.72 -11.61
CA GLY A 579 -6.03 -13.35 -12.35
C GLY A 579 -6.11 -12.06 -13.14
N SER A 580 -4.94 -11.55 -13.53
CA SER A 580 -4.89 -10.30 -14.27
C SER A 580 -3.58 -10.17 -15.02
N TYR A 581 -3.55 -9.26 -15.99
CA TYR A 581 -2.36 -8.95 -16.78
C TYR A 581 -2.24 -7.44 -16.83
N THR A 582 -1.01 -6.93 -16.73
CA THR A 582 -0.81 -5.50 -16.77
C THR A 582 0.29 -5.09 -17.74
N TYR A 583 -0.04 -4.14 -18.62
CA TYR A 583 0.92 -3.62 -19.58
C TYR A 583 1.11 -2.15 -19.22
N THR A 584 2.30 -1.79 -18.73
CA THR A 584 2.55 -0.42 -18.34
C THR A 584 3.64 0.25 -19.18
N ASP A 585 3.28 1.39 -19.78
CA ASP A 585 4.19 2.17 -20.62
C ASP A 585 4.45 3.51 -19.92
N ALA A 586 5.42 3.53 -19.01
CA ALA A 586 5.74 4.76 -18.28
C ALA A 586 6.92 5.46 -18.95
N GLU A 587 6.82 6.77 -19.12
CA GLU A 587 7.90 7.49 -19.77
C GLU A 587 8.14 8.94 -19.37
N TYR A 588 9.41 9.29 -19.28
CA TYR A 588 9.84 10.65 -18.96
C TYR A 588 9.64 11.45 -20.24
N THR A 589 8.75 12.44 -20.17
CA THR A 589 8.44 13.29 -21.31
C THR A 589 9.16 14.62 -21.27
N THR A 590 9.51 15.07 -20.07
CA THR A 590 10.18 16.35 -19.93
C THR A 590 11.02 16.29 -18.67
N ASP A 591 12.34 16.19 -18.86
CA ASP A 591 13.25 16.14 -17.74
C ASP A 591 14.66 16.49 -18.19
N THR A 592 15.29 17.37 -17.42
CA THR A 592 16.65 17.81 -17.70
C THR A 592 17.55 16.59 -17.87
N THR A 593 17.77 15.87 -16.77
CA THR A 593 18.63 14.69 -16.74
C THR A 593 18.11 13.43 -17.43
N TYR A 594 16.80 13.21 -17.41
CA TYR A 594 16.26 12.01 -18.06
C TYR A 594 15.47 12.41 -19.30
N LYS A 595 14.64 11.52 -19.80
CA LYS A 595 13.83 11.77 -21.00
C LYS A 595 13.78 10.46 -21.75
N GLY A 596 12.59 10.02 -22.12
CA GLY A 596 12.47 8.76 -22.85
C GLY A 596 12.83 7.59 -21.96
N ASN A 597 13.17 7.89 -20.71
CA ASN A 597 13.52 6.85 -19.74
C ASN A 597 12.24 6.42 -19.06
N THR A 598 12.24 5.21 -18.52
CA THR A 598 11.07 4.72 -17.79
C THR A 598 11.47 4.81 -16.31
N PRO A 599 10.59 5.36 -15.46
CA PRO A 599 10.98 5.45 -14.05
C PRO A 599 11.34 4.11 -13.45
N ALA A 600 12.18 4.13 -12.43
CA ALA A 600 12.63 2.89 -11.80
C ALA A 600 11.52 2.17 -11.06
N GLN A 601 11.76 0.89 -10.84
CA GLN A 601 10.86 0.00 -10.12
C GLN A 601 9.53 -0.28 -10.77
N VAL A 602 9.36 0.07 -12.04
CA VAL A 602 8.09 -0.21 -12.70
C VAL A 602 8.23 -1.04 -13.95
N PRO A 603 7.96 -2.35 -13.85
CA PRO A 603 8.05 -3.29 -14.97
C PRO A 603 7.10 -2.92 -16.11
N LYS A 604 7.40 -3.41 -17.30
CA LYS A 604 6.56 -3.12 -18.46
C LYS A 604 5.38 -4.10 -18.51
N HIS A 605 5.67 -5.35 -18.17
CA HIS A 605 4.66 -6.41 -18.17
C HIS A 605 4.51 -6.95 -16.78
N MET A 606 3.27 -7.18 -16.38
CA MET A 606 2.95 -7.73 -15.06
C MET A 606 1.80 -8.71 -15.18
N ALA A 607 1.85 -9.80 -14.42
CA ALA A 607 0.76 -10.75 -14.49
C ALA A 607 0.71 -11.67 -13.29
N SER A 608 -0.49 -12.19 -13.02
CA SER A 608 -0.70 -13.11 -11.91
C SER A 608 -1.97 -13.91 -12.15
N LEU A 609 -2.01 -15.12 -11.62
CA LEU A 609 -3.16 -16.00 -11.78
C LEU A 609 -3.23 -16.96 -10.60
N TRP A 610 -4.44 -17.14 -10.08
CA TRP A 610 -4.64 -18.02 -8.94
C TRP A 610 -5.91 -18.84 -9.07
N ALA A 611 -5.87 -20.06 -8.53
CA ALA A 611 -7.02 -20.95 -8.56
C ALA A 611 -7.00 -21.95 -7.39
N ASP A 612 -8.19 -22.25 -6.88
CA ASP A 612 -8.33 -23.19 -5.76
C ASP A 612 -9.29 -24.33 -6.09
N TYR A 613 -9.19 -25.41 -5.33
CA TYR A 613 -10.04 -26.57 -5.55
C TYR A 613 -10.43 -27.24 -4.24
N THR A 614 -11.73 -27.44 -4.04
CA THR A 614 -12.24 -28.05 -2.82
C THR A 614 -12.95 -29.37 -3.11
N PHE A 615 -12.87 -30.29 -2.16
CA PHE A 615 -13.50 -31.59 -2.31
C PHE A 615 -14.80 -31.71 -1.51
N PHE A 616 -15.79 -32.33 -2.13
CA PHE A 616 -17.09 -32.56 -1.51
C PHE A 616 -17.47 -34.03 -1.72
N ASP A 617 -16.47 -34.89 -1.92
CA ASP A 617 -16.72 -36.30 -2.17
C ASP A 617 -16.14 -37.28 -1.16
N GLY A 618 -15.19 -38.09 -1.62
CA GLY A 618 -14.57 -39.10 -0.79
C GLY A 618 -14.04 -38.63 0.56
N PRO A 619 -13.09 -39.39 1.16
CA PRO A 619 -12.51 -39.04 2.46
C PRO A 619 -11.76 -37.71 2.42
N LEU A 620 -11.48 -37.22 1.23
CA LEU A 620 -10.78 -35.95 1.05
C LEU A 620 -11.80 -34.83 0.97
N SER A 621 -12.98 -35.06 1.52
CA SER A 621 -14.05 -34.07 1.52
C SER A 621 -13.72 -32.94 2.49
N GLY A 622 -13.88 -31.71 2.04
CA GLY A 622 -13.59 -30.58 2.88
C GLY A 622 -12.14 -30.13 2.71
N LEU A 623 -11.43 -30.81 1.83
CA LEU A 623 -10.04 -30.51 1.55
C LEU A 623 -9.96 -29.45 0.46
N THR A 624 -9.22 -28.39 0.72
CA THR A 624 -9.08 -27.34 -0.28
C THR A 624 -7.61 -27.23 -0.69
N LEU A 625 -7.40 -27.25 -2.00
CA LEU A 625 -6.07 -27.16 -2.55
C LEU A 625 -6.04 -25.97 -3.49
N GLY A 626 -5.17 -25.02 -3.18
CA GLY A 626 -5.07 -23.84 -4.01
C GLY A 626 -3.63 -23.49 -4.32
N THR A 627 -3.43 -22.80 -5.43
CA THR A 627 -2.11 -22.41 -5.81
C THR A 627 -2.19 -21.31 -6.87
N GLY A 628 -1.14 -20.50 -6.93
CA GLY A 628 -1.09 -19.42 -7.89
C GLY A 628 0.35 -19.01 -8.12
N GLY A 629 0.53 -18.12 -9.09
CA GLY A 629 1.86 -17.65 -9.40
C GLY A 629 1.80 -16.19 -9.75
N ARG A 630 2.84 -15.46 -9.36
CA ARG A 630 2.91 -14.04 -9.64
C ARG A 630 4.19 -13.73 -10.41
N TYR A 631 4.01 -13.14 -11.58
CA TYR A 631 5.11 -12.79 -12.48
C TYR A 631 5.38 -11.30 -12.49
N THR A 632 6.65 -10.93 -12.31
CA THR A 632 7.07 -9.54 -12.35
C THR A 632 8.06 -9.40 -13.51
N GLY A 633 7.78 -8.47 -14.41
CA GLY A 633 8.64 -8.23 -15.55
C GLY A 633 9.92 -7.53 -15.16
N SER A 634 10.79 -7.29 -16.13
CA SER A 634 12.04 -6.61 -15.83
C SER A 634 11.75 -5.14 -15.61
N SER A 635 12.65 -4.46 -14.90
CA SER A 635 12.49 -3.04 -14.62
C SER A 635 13.84 -2.37 -14.45
N TYR A 636 13.84 -1.06 -14.54
CA TYR A 636 15.06 -0.31 -14.36
C TYR A 636 15.27 -0.08 -12.88
N GLY A 637 16.54 -0.08 -12.46
CA GLY A 637 16.86 0.11 -11.06
C GLY A 637 17.41 1.49 -10.77
N ASP A 638 16.98 2.49 -11.53
CA ASP A 638 17.45 3.86 -11.33
C ASP A 638 16.90 4.74 -12.44
N PRO A 639 16.68 6.03 -12.15
CA PRO A 639 16.13 6.98 -13.15
C PRO A 639 16.97 6.98 -14.42
N ALA A 640 18.29 6.98 -14.22
CA ALA A 640 19.24 6.98 -15.32
C ALA A 640 19.09 5.79 -16.25
N ASN A 641 18.41 4.74 -15.79
CA ASN A 641 18.23 3.54 -16.61
C ASN A 641 19.61 3.00 -16.95
N SER A 642 20.52 3.03 -15.99
CA SER A 642 21.86 2.54 -16.24
C SER A 642 21.95 1.02 -16.22
N PHE A 643 21.06 0.36 -15.49
CA PHE A 643 21.08 -1.08 -15.44
C PHE A 643 19.65 -1.60 -15.35
N LYS A 644 19.49 -2.92 -15.28
CA LYS A 644 18.15 -3.47 -15.20
C LYS A 644 17.97 -4.67 -14.28
N VAL A 645 16.93 -4.59 -13.44
CA VAL A 645 16.59 -5.65 -12.52
C VAL A 645 15.77 -6.61 -13.37
N GLY A 646 16.08 -7.89 -13.26
CA GLY A 646 15.40 -8.90 -14.04
C GLY A 646 14.06 -9.40 -13.55
N SER A 647 13.30 -9.95 -14.48
CA SER A 647 11.98 -10.50 -14.23
C SER A 647 12.03 -11.76 -13.37
N TYR A 648 10.91 -12.04 -12.72
CA TYR A 648 10.80 -13.20 -11.85
C TYR A 648 9.36 -13.68 -11.70
N THR A 649 9.23 -14.90 -11.18
CA THR A 649 7.92 -15.51 -11.00
C THR A 649 7.93 -16.35 -9.75
N VAL A 650 7.10 -15.91 -8.79
CA VAL A 650 7.01 -16.62 -7.53
C VAL A 650 5.71 -17.41 -7.50
N VAL A 651 5.77 -18.55 -6.81
CA VAL A 651 4.61 -19.42 -6.70
C VAL A 651 4.20 -19.60 -5.25
N ASP A 652 2.90 -19.61 -5.01
CA ASP A 652 2.35 -19.79 -3.67
C ASP A 652 1.37 -20.96 -3.66
N ALA A 653 1.31 -21.66 -2.53
CA ALA A 653 0.41 -22.80 -2.39
C ALA A 653 -0.15 -22.95 -0.98
N LEU A 654 -1.36 -23.50 -0.89
CA LEU A 654 -1.99 -23.73 0.39
C LEU A 654 -2.88 -24.97 0.39
N VAL A 655 -2.95 -25.59 1.56
CA VAL A 655 -3.79 -26.77 1.74
C VAL A 655 -4.64 -26.46 2.97
N ARG A 656 -5.94 -26.40 2.75
CA ARG A 656 -6.89 -26.08 3.79
C ARG A 656 -7.82 -27.26 3.99
N TYR A 657 -8.07 -27.60 5.25
CA TYR A 657 -8.98 -28.69 5.56
C TYR A 657 -10.09 -28.20 6.47
N ASP A 658 -11.33 -28.28 6.00
CA ASP A 658 -12.49 -27.82 6.77
C ASP A 658 -12.74 -28.68 8.00
N LEU A 659 -12.10 -28.31 9.12
CA LEU A 659 -12.20 -29.02 10.38
C LEU A 659 -13.63 -29.22 10.88
N ALA A 660 -14.61 -28.86 10.06
CA ALA A 660 -16.01 -29.00 10.42
C ALA A 660 -16.40 -30.48 10.49
N ARG A 661 -15.63 -31.31 9.81
CA ARG A 661 -15.88 -32.74 9.76
C ARG A 661 -15.42 -33.47 11.02
N VAL A 662 -15.26 -32.74 12.12
CA VAL A 662 -14.85 -33.33 13.38
C VAL A 662 -15.79 -32.77 14.44
N GLY A 663 -16.86 -32.15 13.96
CA GLY A 663 -17.85 -31.55 14.83
C GLY A 663 -17.66 -30.06 14.92
N MET A 664 -16.43 -29.63 14.76
CA MET A 664 -16.09 -28.22 14.83
C MET A 664 -16.39 -27.48 13.53
N ALA A 665 -17.67 -27.26 13.27
CA ALA A 665 -18.06 -26.55 12.06
C ALA A 665 -17.56 -25.12 12.19
N GLY A 666 -17.18 -24.53 11.06
CA GLY A 666 -16.69 -23.17 11.06
C GLY A 666 -15.23 -23.04 11.45
N SER A 667 -14.62 -24.14 11.88
CA SER A 667 -13.21 -24.14 12.26
C SER A 667 -12.44 -24.91 11.20
N ASN A 668 -11.19 -24.54 10.98
CA ASN A 668 -10.38 -25.21 9.97
C ASN A 668 -8.90 -25.06 10.24
N VAL A 669 -8.10 -25.84 9.53
CA VAL A 669 -6.66 -25.80 9.67
C VAL A 669 -6.06 -25.62 8.29
N ALA A 670 -5.05 -24.76 8.19
CA ALA A 670 -4.42 -24.53 6.90
C ALA A 670 -2.91 -24.47 6.96
N LEU A 671 -2.30 -24.74 5.80
CA LEU A 671 -0.86 -24.70 5.67
C LEU A 671 -0.56 -23.86 4.43
N HIS A 672 0.20 -22.80 4.62
CA HIS A 672 0.55 -21.90 3.52
C HIS A 672 2.05 -21.89 3.30
N VAL A 673 2.44 -21.87 2.03
CA VAL A 673 3.85 -21.83 1.68
C VAL A 673 4.04 -20.77 0.64
N ASN A 674 4.93 -19.82 0.91
CA ASN A 674 5.16 -18.75 -0.03
C ASN A 674 6.51 -18.85 -0.73
N ASN A 675 6.48 -18.66 -2.04
CA ASN A 675 7.70 -18.76 -2.85
C ASN A 675 8.14 -20.23 -2.76
N LEU A 676 7.20 -21.12 -3.04
CA LEU A 676 7.38 -22.58 -2.99
C LEU A 676 8.75 -23.06 -3.42
N PHE A 677 9.18 -22.64 -4.60
CA PHE A 677 10.47 -23.04 -5.15
C PHE A 677 11.63 -22.28 -4.51
N ASP A 678 11.32 -21.52 -3.47
CA ASP A 678 12.31 -20.72 -2.75
C ASP A 678 13.25 -20.09 -3.75
N ARG A 679 12.71 -19.30 -4.68
CA ARG A 679 13.54 -18.66 -5.67
C ARG A 679 14.34 -17.56 -5.02
N GLU A 680 15.33 -17.06 -5.74
CA GLU A 680 16.17 -15.97 -5.24
C GLU A 680 16.06 -14.85 -6.25
N TYR A 681 15.49 -13.73 -5.83
CA TYR A 681 15.32 -12.61 -6.75
C TYR A 681 15.51 -11.28 -6.09
N VAL A 682 15.82 -10.29 -6.91
CA VAL A 682 15.97 -8.94 -6.44
C VAL A 682 14.62 -8.37 -6.83
N ALA A 683 13.86 -7.94 -5.83
CA ALA A 683 12.53 -7.39 -6.05
C ALA A 683 12.57 -6.15 -6.95
N SER A 684 13.43 -5.21 -6.60
CA SER A 684 13.58 -3.99 -7.37
C SER A 684 14.71 -3.20 -6.76
N CYS A 685 15.02 -2.07 -7.37
CA CYS A 685 16.05 -1.15 -6.90
C CYS A 685 15.52 0.25 -7.22
N PHE A 686 15.66 1.20 -6.29
CA PHE A 686 15.21 2.56 -6.57
C PHE A 686 16.39 3.33 -7.17
N ASN A 687 17.59 2.81 -6.96
CA ASN A 687 18.81 3.38 -7.52
C ASN A 687 19.88 2.29 -7.54
N THR A 688 21.15 2.67 -7.71
CA THR A 688 22.24 1.69 -7.75
C THR A 688 22.72 1.24 -6.37
N TYR A 689 22.39 2.04 -5.36
CA TYR A 689 22.78 1.73 -4.00
C TYR A 689 21.55 1.32 -3.17
N GLY A 690 20.40 1.23 -3.84
CA GLY A 690 19.16 0.85 -3.18
C GLY A 690 18.37 -0.30 -3.79
N CYS A 691 18.77 -1.53 -3.46
CA CYS A 691 18.10 -2.74 -3.96
C CYS A 691 17.59 -3.57 -2.80
N PHE A 692 16.68 -4.50 -3.09
CA PHE A 692 16.09 -5.35 -2.05
C PHE A 692 15.89 -6.81 -2.45
N TRP A 693 16.40 -7.74 -1.63
CA TRP A 693 16.25 -9.17 -1.91
C TRP A 693 14.79 -9.51 -1.74
N GLY A 694 14.29 -10.39 -2.60
CA GLY A 694 12.91 -10.81 -2.52
C GLY A 694 12.71 -11.71 -1.31
N ALA A 695 11.47 -12.10 -1.06
CA ALA A 695 11.15 -12.94 0.08
C ALA A 695 11.51 -14.41 -0.14
N GLU A 696 12.22 -15.00 0.83
CA GLU A 696 12.60 -16.40 0.70
C GLU A 696 11.48 -17.31 1.22
N ARG A 697 11.22 -18.38 0.48
CA ARG A 697 10.17 -19.35 0.85
C ARG A 697 9.81 -19.37 2.33
N GLN A 698 8.51 -19.20 2.59
CA GLN A 698 7.97 -19.21 3.95
C GLN A 698 6.91 -20.31 4.11
N VAL A 699 6.76 -20.79 5.34
CA VAL A 699 5.80 -21.83 5.67
C VAL A 699 5.08 -21.51 6.98
N VAL A 700 3.74 -21.43 6.92
CA VAL A 700 2.93 -21.11 8.09
C VAL A 700 1.74 -22.05 8.24
N ALA A 701 1.52 -22.51 9.47
CA ALA A 701 0.39 -23.38 9.78
C ALA A 701 -0.58 -22.48 10.51
N THR A 702 -1.85 -22.52 10.12
CA THR A 702 -2.84 -21.67 10.77
C THR A 702 -4.09 -22.41 11.26
N ALA A 703 -4.24 -22.45 12.58
CA ALA A 703 -5.37 -23.11 13.21
C ALA A 703 -6.37 -22.06 13.71
N THR A 704 -7.47 -21.94 12.98
CA THR A 704 -8.51 -20.99 13.34
C THR A 704 -9.79 -21.71 13.82
N PHE A 705 -10.25 -21.38 15.02
CA PHE A 705 -11.41 -22.03 15.63
C PHE A 705 -12.63 -21.12 15.90
N ARG A 706 -13.80 -21.60 15.55
CA ARG A 706 -15.06 -20.87 15.77
C ARG A 706 -15.91 -21.56 16.83
N PHE A 707 -16.36 -20.80 17.83
CA PHE A 707 -17.19 -21.34 18.90
C PHE A 707 -18.68 -21.11 18.62
#